data_6DZ2
#
_entry.id   6DZ2
#
_cell.length_a   79.390
_cell.length_b   135.316
_cell.length_c   159.268
_cell.angle_alpha   90.00
_cell.angle_beta   90.00
_cell.angle_gamma   90.00
#
_symmetry.space_group_name_H-M   'C 2 2 21'
#
loop_
_entity.id
_entity.type
_entity.pdbx_description
1 polymer "S-methyl-5'-thioadenosine phosphorylase"
2 non-polymer 1,2-ETHANEDIOL
3 non-polymer 'CHLORIDE ION'
4 non-polymer 'ACETIC ACID'
5 non-polymer (3R,4S)-1-[(4-amino-5H-pyrrolo[3,2-d]pyrimidin-7-yl)methyl]-4-({[3-(1-benzyl-1H-1,2,3-triazol-4-yl)propyl]sulfanyl}methyl)pyrrolidin-3-ol
6 water water
#
_entity_poly.entity_id   1
_entity_poly.type   'polypeptide(L)'
_entity_poly.pdbx_seq_one_letter_code
;MHHHHHHENLYFQSMASGTTTTAVKIGIIGGTGLDDPEILEGRTEKYVDTPFGKPSDALILGKIKNVDCVLLARHGRQHT
IMPSKVNYQANIWALKEEGCTHVIVTTACGSLREEIQPGDIVIIDQFIDRTTMRPQSFYDGSHSCARGVCHIPMAEPFCP
KTREVLIETAKKLGLRCHSKGTMVTIEGPRFSSRAESFMFRTWGADVINMTTVPEVVLAKEAGICYASIAMATDYDCWKE
HEEAVSVDRVLKTLKENANKAKSLLLTTIPQIGSTEWSETLHNLKNMAQFSVLLPRH
;
_entity_poly.pdbx_strand_id   A,B,C
#
# COMPACT_ATOMS: atom_id res chain seq x y z
N ALA A 23 -5.11 23.14 -31.22
CA ALA A 23 -3.85 23.88 -30.90
C ALA A 23 -3.00 23.08 -29.89
N VAL A 24 -2.05 22.28 -30.37
CA VAL A 24 -1.34 21.38 -29.45
C VAL A 24 -0.36 22.18 -28.57
N LYS A 25 -0.26 21.77 -27.31
CA LYS A 25 0.73 22.32 -26.40
C LYS A 25 1.21 21.18 -25.52
N ILE A 26 2.53 20.96 -25.52
CA ILE A 26 3.12 19.77 -24.88
C ILE A 26 3.82 20.10 -23.57
N GLY A 27 3.24 19.62 -22.46
CA GLY A 27 3.94 19.59 -21.18
C GLY A 27 5.05 18.54 -21.22
N ILE A 28 6.21 18.88 -20.67
CA ILE A 28 7.35 17.98 -20.65
C ILE A 28 7.88 17.91 -19.23
N ILE A 29 7.91 16.71 -18.69
CA ILE A 29 8.36 16.49 -17.31
C ILE A 29 9.58 15.58 -17.32
N GLY A 30 10.61 16.01 -16.59
CA GLY A 30 11.85 15.27 -16.44
C GLY A 30 12.67 15.10 -17.70
N GLY A 31 12.40 15.90 -18.72
CA GLY A 31 12.90 15.65 -20.08
C GLY A 31 14.32 16.12 -20.36
N THR A 32 15.25 15.75 -19.45
CA THR A 32 16.69 16.03 -19.58
C THR A 32 16.96 17.57 -19.61
N GLY A 33 17.86 18.02 -20.47
CA GLY A 33 18.08 19.44 -20.71
C GLY A 33 17.53 19.84 -22.07
N LEU A 34 16.21 20.02 -22.11
CA LEU A 34 15.57 20.72 -23.23
C LEU A 34 15.55 22.23 -22.98
N ASP A 35 15.80 22.64 -21.74
CA ASP A 35 15.89 24.04 -21.41
C ASP A 35 17.25 24.57 -21.87
N ASP A 36 17.32 24.86 -23.17
CA ASP A 36 18.54 25.22 -23.86
C ASP A 36 18.14 26.24 -24.93
N PRO A 37 18.84 27.39 -25.02
CA PRO A 37 18.54 28.36 -26.09
C PRO A 37 18.69 27.84 -27.53
N GLU A 38 19.56 26.87 -27.76
CA GLU A 38 19.66 26.20 -29.08
C GLU A 38 18.42 25.36 -29.44
N ILE A 39 17.65 24.95 -28.42
CA ILE A 39 16.45 24.11 -28.59
C ILE A 39 15.15 24.89 -28.38
N LEU A 40 15.05 25.62 -27.28
CA LEU A 40 13.81 26.26 -26.83
C LEU A 40 13.82 27.74 -27.23
N GLU A 41 12.84 28.17 -28.03
CA GLU A 41 12.78 29.54 -28.53
C GLU A 41 11.74 30.28 -27.69
N GLY A 42 11.97 31.56 -27.46
CA GLY A 42 11.00 32.38 -26.71
C GLY A 42 10.88 32.04 -25.23
N ARG A 43 12.01 31.72 -24.61
CA ARG A 43 12.05 31.21 -23.25
C ARG A 43 11.41 32.20 -22.27
N THR A 44 10.43 31.70 -21.51
CA THR A 44 9.70 32.49 -20.53
C THR A 44 9.57 31.62 -19.27
N GLU A 45 10.25 32.03 -18.21
CA GLU A 45 10.17 31.34 -16.93
C GLU A 45 8.97 31.88 -16.17
N LYS A 46 8.35 31.04 -15.35
CA LYS A 46 7.03 31.35 -14.76
C LYS A 46 6.74 30.52 -13.50
N TYR A 47 6.54 31.19 -12.37
CA TYR A 47 6.17 30.54 -11.10
C TYR A 47 4.64 30.67 -10.96
N VAL A 48 3.94 29.55 -10.81
CA VAL A 48 2.49 29.54 -10.69
C VAL A 48 2.06 28.91 -9.35
N ASP A 49 0.83 29.20 -8.99
CA ASP A 49 0.21 28.59 -7.81
C ASP A 49 -1.04 27.89 -8.27
N THR A 50 -1.43 26.83 -7.57
CA THR A 50 -2.62 26.06 -7.93
C THR A 50 -3.45 25.87 -6.66
N PRO A 51 -4.70 25.44 -6.81
CA PRO A 51 -5.47 25.06 -5.63
C PRO A 51 -4.82 23.95 -4.79
N PHE A 52 -3.86 23.21 -5.38
CA PHE A 52 -3.19 22.10 -4.71
C PHE A 52 -1.80 22.43 -4.19
N GLY A 53 -1.44 23.71 -4.19
CA GLY A 53 -0.12 24.14 -3.75
C GLY A 53 0.80 24.42 -4.91
N LYS A 54 2.09 24.57 -4.59
CA LYS A 54 3.08 24.98 -5.58
C LYS A 54 3.59 23.79 -6.39
N PRO A 55 3.77 23.97 -7.71
CA PRO A 55 4.46 22.93 -8.47
C PRO A 55 5.89 22.70 -8.02
N SER A 56 6.49 21.64 -8.52
CA SER A 56 7.86 21.27 -8.19
C SER A 56 8.89 22.34 -8.54
N ASP A 57 8.65 23.06 -9.62
CA ASP A 57 9.57 24.04 -10.14
C ASP A 57 8.73 25.08 -10.85
N ALA A 58 9.39 26.13 -11.34
CA ALA A 58 8.77 27.04 -12.26
C ALA A 58 8.51 26.35 -13.60
N LEU A 59 7.45 26.79 -14.27
CA LEU A 59 7.16 26.37 -15.63
C LEU A 59 8.04 27.17 -16.58
N ILE A 60 8.69 26.49 -17.51
CA ILE A 60 9.46 27.14 -18.59
C ILE A 60 8.68 27.04 -19.90
N LEU A 61 8.16 28.15 -20.39
CA LEU A 61 7.41 28.20 -21.65
C LEU A 61 8.31 28.53 -22.83
N GLY A 62 7.87 28.16 -24.02
CA GLY A 62 8.65 28.37 -25.24
C GLY A 62 8.24 27.41 -26.36
N LYS A 63 8.91 27.51 -27.50
CA LYS A 63 8.63 26.64 -28.64
C LYS A 63 9.83 25.80 -28.97
N ILE A 64 9.57 24.54 -29.30
CA ILE A 64 10.60 23.59 -29.68
C ILE A 64 10.14 23.04 -30.99
N LYS A 65 10.94 23.23 -32.03
CA LYS A 65 10.56 22.87 -33.39
C LYS A 65 9.17 23.36 -33.80
N ASN A 66 8.85 24.62 -33.49
CA ASN A 66 7.56 25.25 -33.83
C ASN A 66 6.34 24.80 -33.04
N VAL A 67 6.54 24.04 -31.96
CA VAL A 67 5.44 23.52 -31.15
C VAL A 67 5.54 24.15 -29.77
N ASP A 68 4.43 24.72 -29.28
CA ASP A 68 4.38 25.26 -27.93
C ASP A 68 4.63 24.14 -26.90
N CYS A 69 5.57 24.39 -25.98
CA CYS A 69 5.96 23.44 -24.95
C CYS A 69 6.02 24.12 -23.59
N VAL A 70 5.81 23.32 -22.55
CA VAL A 70 5.90 23.78 -21.16
C VAL A 70 6.78 22.80 -20.43
N LEU A 71 7.94 23.24 -19.97
CA LEU A 71 8.89 22.36 -19.31
C LEU A 71 8.69 22.47 -17.81
N LEU A 72 8.80 21.34 -17.12
CA LEU A 72 8.60 21.26 -15.68
C LEU A 72 9.48 20.17 -15.08
N ALA A 73 10.49 20.58 -14.31
CA ALA A 73 11.36 19.65 -13.60
C ALA A 73 10.58 19.00 -12.43
N ARG A 74 10.61 17.66 -12.37
CA ARG A 74 9.76 16.89 -11.43
C ARG A 74 10.21 17.04 -9.98
N HIS A 75 11.53 17.02 -9.76
CA HIS A 75 12.12 17.14 -8.44
C HIS A 75 12.80 18.51 -8.25
N GLY A 76 12.23 19.56 -8.83
CA GLY A 76 12.79 20.91 -8.73
C GLY A 76 13.84 21.18 -9.79
N THR A 80 15.92 17.60 -5.62
CA THR A 80 16.05 17.76 -4.20
C THR A 80 14.88 17.19 -3.37
N ILE A 81 13.88 16.56 -4.00
CA ILE A 81 12.63 16.11 -3.34
C ILE A 81 12.41 14.59 -3.55
N MET A 82 12.10 13.85 -2.50
CA MET A 82 11.78 12.43 -2.65
C MET A 82 10.49 12.24 -3.49
N PRO A 83 10.44 11.19 -4.34
CA PRO A 83 9.28 10.98 -5.19
C PRO A 83 7.94 10.97 -4.43
N SER A 84 7.95 10.48 -3.20
CA SER A 84 6.79 10.55 -2.29
C SER A 84 6.25 11.93 -2.03
N LYS A 85 7.09 12.96 -2.10
CA LYS A 85 6.74 14.34 -1.69
C LYS A 85 6.49 15.27 -2.87
N VAL A 86 6.69 14.81 -4.10
CA VAL A 86 6.48 15.64 -5.27
C VAL A 86 4.99 15.97 -5.32
N ASN A 87 4.68 17.23 -5.63
CA ASN A 87 3.29 17.69 -5.66
C ASN A 87 2.75 17.42 -7.05
N TYR A 88 2.42 16.14 -7.29
CA TYR A 88 1.94 15.71 -8.58
C TYR A 88 0.65 16.43 -8.97
N GLN A 89 -0.25 16.62 -8.01
CA GLN A 89 -1.50 17.32 -8.27
C GLN A 89 -1.24 18.74 -8.78
N ALA A 90 -0.39 19.48 -8.09
CA ALA A 90 -0.04 20.83 -8.51
C ALA A 90 0.64 20.85 -9.89
N ASN A 91 1.55 19.90 -10.11
CA ASN A 91 2.26 19.83 -11.42
C ASN A 91 1.29 19.63 -12.58
N ILE A 92 0.41 18.64 -12.46
CA ILE A 92 -0.53 18.35 -13.54
C ILE A 92 -1.58 19.46 -13.68
N TRP A 93 -2.09 19.98 -12.55
CA TRP A 93 -3.00 21.11 -12.59
C TRP A 93 -2.40 22.30 -13.29
N ALA A 94 -1.16 22.63 -12.96
CA ALA A 94 -0.45 23.76 -13.62
C ALA A 94 -0.35 23.56 -15.11
N LEU A 95 0.03 22.37 -15.56
CA LEU A 95 0.16 22.12 -16.98
C LEU A 95 -1.18 22.22 -17.68
N LYS A 96 -2.24 21.70 -17.07
CA LYS A 96 -3.59 21.82 -17.59
C LYS A 96 -4.02 23.29 -17.71
N GLU A 97 -3.72 24.08 -16.68
CA GLU A 97 -4.13 25.49 -16.62
C GLU A 97 -3.38 26.32 -17.66
N GLU A 98 -2.18 25.88 -18.01
CA GLU A 98 -1.40 26.49 -19.08
C GLU A 98 -1.85 26.09 -20.50
N GLY A 99 -2.85 25.23 -20.63
CA GLY A 99 -3.40 24.82 -21.92
C GLY A 99 -2.79 23.56 -22.52
N CYS A 100 -2.01 22.81 -21.75
CA CYS A 100 -1.38 21.61 -22.29
C CYS A 100 -2.44 20.60 -22.70
N THR A 101 -2.31 20.11 -23.92
CA THR A 101 -3.12 19.01 -24.43
C THR A 101 -2.45 17.65 -24.29
N HIS A 102 -1.11 17.68 -24.22
CA HIS A 102 -0.28 16.52 -24.14
C HIS A 102 0.72 16.72 -23.01
N VAL A 103 1.13 15.61 -22.40
CA VAL A 103 2.24 15.58 -21.48
C VAL A 103 3.08 14.36 -21.87
N ILE A 104 4.37 14.58 -22.06
CA ILE A 104 5.32 13.51 -22.26
C ILE A 104 6.33 13.59 -21.14
N VAL A 105 6.45 12.50 -20.37
CA VAL A 105 7.37 12.42 -19.26
C VAL A 105 8.51 11.50 -19.63
N THR A 106 9.69 11.78 -19.10
CA THR A 106 10.81 10.88 -19.26
C THR A 106 11.20 10.44 -17.85
N THR A 107 11.47 9.15 -17.69
CA THR A 107 11.80 8.58 -16.39
C THR A 107 12.92 7.55 -16.59
N ALA A 108 13.85 7.49 -15.65
CA ALA A 108 14.71 6.30 -15.51
C ALA A 108 13.89 5.19 -14.87
N CYS A 109 14.35 3.96 -15.02
CA CYS A 109 13.69 2.82 -14.41
C CYS A 109 14.63 1.63 -14.32
N GLY A 110 14.29 0.68 -13.44
CA GLY A 110 15.02 -0.58 -13.36
C GLY A 110 14.38 -1.55 -14.34
N SER A 111 15.17 -2.44 -14.93
CA SER A 111 14.61 -3.51 -15.76
C SER A 111 14.37 -4.76 -14.91
N LEU A 112 13.19 -5.34 -15.08
CA LEU A 112 12.83 -6.62 -14.47
C LEU A 112 12.85 -7.77 -15.48
N ARG A 113 13.42 -7.55 -16.66
CA ARG A 113 13.45 -8.58 -17.73
C ARG A 113 14.80 -8.56 -18.41
N GLU A 114 15.38 -9.73 -18.65
CA GLU A 114 16.70 -9.84 -19.28
C GLU A 114 16.77 -9.06 -20.58
N GLU A 115 15.74 -9.17 -21.39
CA GLU A 115 15.66 -8.52 -22.72
C GLU A 115 15.65 -7.00 -22.70
N ILE A 116 15.25 -6.39 -21.57
CA ILE A 116 15.27 -4.93 -21.44
C ILE A 116 16.60 -4.59 -20.81
N GLN A 117 17.56 -4.18 -21.65
CA GLN A 117 18.92 -3.93 -21.17
C GLN A 117 19.06 -2.50 -20.77
N PRO A 118 19.99 -2.20 -19.85
CA PRO A 118 20.30 -0.81 -19.51
C PRO A 118 20.63 0.00 -20.75
N GLY A 119 20.03 1.19 -20.87
CA GLY A 119 20.14 2.00 -22.08
C GLY A 119 18.92 1.86 -23.00
N ASP A 120 18.17 0.74 -22.89
CA ASP A 120 16.95 0.57 -23.66
C ASP A 120 15.86 1.53 -23.23
N ILE A 121 15.03 1.91 -24.20
CA ILE A 121 13.85 2.70 -23.97
C ILE A 121 12.66 1.77 -23.94
N VAL A 122 11.71 2.04 -23.07
CA VAL A 122 10.46 1.31 -23.01
C VAL A 122 9.34 2.32 -23.08
N ILE A 123 8.48 2.16 -24.08
CA ILE A 123 7.28 2.98 -24.21
C ILE A 123 6.16 2.26 -23.47
N ILE A 124 6.08 2.50 -22.18
CA ILE A 124 5.18 1.73 -21.30
C ILE A 124 3.69 1.93 -21.65
N ASP A 125 2.92 0.85 -21.49
CA ASP A 125 1.47 0.90 -21.74
C ASP A 125 0.60 0.50 -20.55
N GLN A 126 1.19 0.04 -19.46
CA GLN A 126 0.47 -0.32 -18.25
C GLN A 126 1.31 0.04 -17.02
N PHE A 127 0.63 0.08 -15.87
CA PHE A 127 1.30 0.22 -14.62
C PHE A 127 0.68 -0.71 -13.58
N ILE A 128 1.49 -0.97 -12.54
CA ILE A 128 1.05 -1.58 -11.30
C ILE A 128 1.40 -0.62 -10.20
N ASP A 129 0.41 -0.19 -9.42
CA ASP A 129 0.66 0.77 -8.31
C ASP A 129 1.13 0.04 -7.03
N ARG A 130 2.34 0.35 -6.59
CA ARG A 130 2.83 -0.02 -5.26
C ARG A 130 3.10 1.19 -4.38
N THR A 131 2.54 2.35 -4.73
CA THR A 131 2.65 3.55 -3.86
C THR A 131 1.62 3.47 -2.73
N THR A 132 1.87 4.24 -1.68
CA THR A 132 0.99 4.27 -0.51
C THR A 132 0.61 5.67 -0.03
N MET A 133 1.46 6.67 -0.23
CA MET A 133 1.23 7.97 0.40
C MET A 133 0.62 9.04 -0.53
N ARG A 134 0.15 8.66 -1.72
CA ARG A 134 0.02 9.66 -2.76
C ARG A 134 -1.41 9.93 -3.13
N PRO A 135 -1.83 11.22 -3.07
CA PRO A 135 -3.17 11.56 -3.60
C PRO A 135 -3.21 11.29 -5.10
N GLN A 136 -4.29 10.66 -5.54
CA GLN A 136 -4.39 10.21 -6.95
C GLN A 136 -5.56 10.82 -7.68
N SER A 137 -6.15 11.87 -7.12
CA SER A 137 -7.33 12.51 -7.71
C SER A 137 -7.31 14.00 -7.37
N PHE A 138 -7.85 14.79 -8.29
CA PHE A 138 -8.13 16.19 -8.01
C PHE A 138 -9.41 16.36 -7.22
N TYR A 139 -10.32 15.39 -7.34
CA TYR A 139 -11.70 15.50 -6.83
C TYR A 139 -11.77 14.91 -5.43
N ASP A 140 -11.16 15.63 -4.48
CA ASP A 140 -10.96 15.16 -3.10
C ASP A 140 -11.94 15.70 -2.07
N GLY A 141 -13.01 16.36 -2.52
CA GLY A 141 -14.00 16.99 -1.63
C GLY A 141 -13.65 18.34 -0.99
N SER A 142 -12.43 18.85 -1.23
CA SER A 142 -11.93 20.09 -0.58
C SER A 142 -11.49 21.17 -1.59
N HIS A 143 -11.81 21.00 -2.86
CA HIS A 143 -11.41 21.94 -3.90
C HIS A 143 -12.61 22.04 -4.83
N SER A 144 -13.26 23.18 -4.83
CA SER A 144 -14.44 23.33 -5.68
C SER A 144 -14.18 23.82 -7.13
N CYS A 145 -12.91 23.81 -7.57
CA CYS A 145 -12.61 23.68 -9.01
C CYS A 145 -12.71 22.22 -9.46
N ALA A 146 -12.77 21.31 -8.48
CA ALA A 146 -12.93 19.88 -8.74
C ALA A 146 -13.92 19.31 -7.73
N ARG A 147 -15.19 19.66 -7.92
CA ARG A 147 -16.28 19.17 -7.07
C ARG A 147 -16.75 17.81 -7.52
N GLY A 148 -17.20 16.99 -6.56
CA GLY A 148 -17.77 15.67 -6.83
C GLY A 148 -16.74 14.58 -6.61
N VAL A 149 -17.01 13.39 -7.12
CA VAL A 149 -16.13 12.23 -6.98
C VAL A 149 -15.81 11.72 -8.36
N CYS A 150 -14.54 11.46 -8.64
CA CYS A 150 -14.13 11.02 -9.95
C CYS A 150 -13.58 9.61 -9.91
N HIS A 151 -14.15 8.73 -10.73
CA HIS A 151 -13.66 7.37 -10.89
C HIS A 151 -13.16 7.19 -12.32
N ILE A 152 -11.90 7.56 -12.55
CA ILE A 152 -11.34 7.60 -13.89
C ILE A 152 -11.00 6.16 -14.34
N PRO A 153 -11.37 5.79 -15.58
CA PRO A 153 -10.95 4.47 -16.07
C PRO A 153 -9.45 4.44 -16.34
N MET A 154 -8.83 3.28 -16.08
CA MET A 154 -7.40 3.10 -16.23
C MET A 154 -7.09 1.84 -17.03
N ALA A 155 -8.07 1.28 -17.76
CA ALA A 155 -7.79 0.14 -18.65
C ALA A 155 -6.64 0.42 -19.61
N GLU A 156 -6.60 1.65 -20.12
CA GLU A 156 -5.59 2.12 -21.07
C GLU A 156 -5.04 3.44 -20.52
N PRO A 157 -4.08 3.38 -19.58
CA PRO A 157 -3.70 4.62 -18.94
C PRO A 157 -2.90 5.58 -19.80
N PHE A 158 -2.21 5.09 -20.83
CA PHE A 158 -1.31 5.96 -21.63
C PHE A 158 -1.91 6.19 -23.02
N CYS A 159 -1.77 7.41 -23.54
CA CYS A 159 -2.37 7.80 -24.82
CA CYS A 159 -2.38 7.80 -24.82
C CYS A 159 -1.84 6.93 -25.96
N PRO A 160 -2.69 6.10 -26.60
CA PRO A 160 -2.16 5.22 -27.69
C PRO A 160 -1.53 5.93 -28.89
N LYS A 161 -2.10 7.06 -29.33
CA LYS A 161 -1.57 7.76 -30.50
C LYS A 161 -0.19 8.34 -30.22
N THR A 162 -0.05 8.98 -29.06
CA THR A 162 1.26 9.50 -28.66
C THR A 162 2.27 8.38 -28.57
N ARG A 163 1.89 7.26 -27.94
CA ARG A 163 2.79 6.12 -27.88
C ARG A 163 3.20 5.62 -29.26
N GLU A 164 2.26 5.61 -30.21
CA GLU A 164 2.57 5.15 -31.57
CA GLU A 164 2.57 5.14 -31.58
C GLU A 164 3.62 6.05 -32.24
N VAL A 165 3.51 7.35 -32.02
CA VAL A 165 4.47 8.31 -32.55
C VAL A 165 5.84 8.08 -31.93
N LEU A 166 5.87 7.91 -30.61
CA LEU A 166 7.13 7.59 -29.90
C LEU A 166 7.79 6.33 -30.44
N ILE A 167 7.00 5.31 -30.61
CA ILE A 167 7.51 4.02 -31.09
C ILE A 167 8.08 4.18 -32.51
N GLU A 168 7.32 4.81 -33.38
CA GLU A 168 7.74 4.98 -34.78
C GLU A 168 9.00 5.84 -34.87
N THR A 169 9.05 6.92 -34.09
CA THR A 169 10.19 7.80 -34.06
C THR A 169 11.46 7.10 -33.54
N ALA A 170 11.31 6.30 -32.49
CA ALA A 170 12.44 5.52 -31.97
C ALA A 170 13.00 4.54 -33.01
N LYS A 171 12.12 3.92 -33.79
CA LYS A 171 12.57 3.03 -34.88
C LYS A 171 13.40 3.81 -35.91
N LYS A 172 12.91 4.98 -36.32
CA LYS A 172 13.59 5.86 -37.27
C LYS A 172 14.95 6.33 -36.78
N LEU A 173 15.03 6.63 -35.48
CA LEU A 173 16.29 7.01 -34.86
C LEU A 173 17.25 5.84 -34.60
N GLY A 174 16.84 4.62 -34.91
CA GLY A 174 17.71 3.48 -34.69
C GLY A 174 17.86 3.04 -33.25
N LEU A 175 16.95 3.44 -32.36
CA LEU A 175 17.08 3.21 -30.91
C LEU A 175 16.59 1.82 -30.54
N ARG A 176 17.26 1.19 -29.56
CA ARG A 176 16.73 -0.03 -28.94
C ARG A 176 15.52 0.42 -28.10
N CYS A 177 14.35 -0.11 -28.47
CA CYS A 177 13.11 0.40 -27.94
C CYS A 177 12.10 -0.72 -27.81
N HIS A 178 11.43 -0.78 -26.67
CA HIS A 178 10.37 -1.76 -26.45
C HIS A 178 9.04 -1.05 -26.54
N SER A 179 8.16 -1.61 -27.36
CA SER A 179 6.91 -0.98 -27.77
C SER A 179 5.82 -1.10 -26.71
N LYS A 180 6.02 -1.91 -25.69
CA LYS A 180 5.10 -1.97 -24.56
C LYS A 180 5.83 -2.41 -23.30
N GLY A 181 5.12 -2.35 -22.18
CA GLY A 181 5.67 -2.78 -20.92
C GLY A 181 4.94 -2.20 -19.73
N THR A 182 5.00 -2.95 -18.64
CA THR A 182 4.29 -2.65 -17.43
C THR A 182 5.27 -2.10 -16.44
N MET A 183 5.02 -0.87 -16.00
CA MET A 183 5.79 -0.20 -14.96
C MET A 183 5.16 -0.45 -13.59
N VAL A 184 5.92 -1.04 -12.68
CA VAL A 184 5.55 -1.02 -11.27
C VAL A 184 6.17 0.24 -10.62
N THR A 185 5.34 1.05 -9.99
CA THR A 185 5.81 2.24 -9.29
C THR A 185 5.79 2.00 -7.79
N ILE A 186 6.97 2.07 -7.18
CA ILE A 186 7.11 1.80 -5.75
C ILE A 186 7.14 3.15 -5.04
N GLU A 187 6.87 3.14 -3.74
CA GLU A 187 6.76 4.37 -2.97
C GLU A 187 8.12 5.02 -2.86
N GLY A 188 9.14 4.20 -2.54
CA GLY A 188 10.49 4.70 -2.37
C GLY A 188 10.57 5.44 -1.05
N PRO A 189 11.65 6.15 -0.78
CA PRO A 189 12.75 6.38 -1.72
C PRO A 189 13.76 5.20 -1.82
N ARG A 190 13.66 4.24 -0.92
CA ARG A 190 14.45 3.03 -0.98
C ARG A 190 14.21 2.29 -2.25
N PHE A 191 15.23 1.55 -2.68
CA PHE A 191 15.03 0.54 -3.71
C PHE A 191 14.34 -0.68 -3.13
N SER A 192 13.92 -1.59 -4.01
CA SER A 192 13.25 -2.80 -3.63
C SER A 192 14.21 -3.83 -3.04
N SER A 193 13.65 -4.70 -2.18
CA SER A 193 14.35 -5.87 -1.75
C SER A 193 14.38 -6.89 -2.91
N ARG A 194 15.24 -7.89 -2.79
CA ARG A 194 15.27 -8.95 -3.80
C ARG A 194 13.97 -9.73 -3.84
N ALA A 195 13.38 -10.03 -2.67
CA ALA A 195 12.08 -10.72 -2.65
C ALA A 195 10.99 -9.89 -3.34
N GLU A 196 11.03 -8.59 -3.15
CA GLU A 196 10.11 -7.70 -3.85
C GLU A 196 10.32 -7.75 -5.37
N SER A 197 11.58 -7.66 -5.79
CA SER A 197 11.94 -7.70 -7.20
C SER A 197 11.43 -8.97 -7.88
N PHE A 198 11.65 -10.12 -7.25
CA PHE A 198 11.15 -11.40 -7.77
C PHE A 198 9.64 -11.46 -7.84
N MET A 199 8.98 -10.92 -6.82
CA MET A 199 7.52 -10.91 -6.76
C MET A 199 6.94 -10.05 -7.89
N PHE A 200 7.56 -8.89 -8.13
CA PHE A 200 7.11 -7.99 -9.21
C PHE A 200 7.21 -8.67 -10.58
N ARG A 201 8.29 -9.42 -10.82
CA ARG A 201 8.38 -10.28 -12.02
C ARG A 201 7.22 -11.25 -12.15
N THR A 202 6.86 -11.96 -11.07
CA THR A 202 5.71 -12.85 -11.14
C THR A 202 4.37 -12.12 -11.38
N TRP A 203 4.24 -10.88 -10.92
CA TRP A 203 3.05 -10.10 -11.18
C TRP A 203 2.93 -9.58 -12.62
N GLY A 204 3.97 -9.69 -13.44
CA GLY A 204 3.94 -9.21 -14.81
C GLY A 204 4.57 -7.85 -15.05
N ALA A 205 5.30 -7.31 -14.08
CA ALA A 205 5.94 -6.00 -14.23
C ALA A 205 7.19 -6.22 -15.05
N ASP A 206 7.47 -5.27 -15.94
CA ASP A 206 8.65 -5.30 -16.81
C ASP A 206 9.72 -4.31 -16.39
N VAL A 207 9.33 -3.18 -15.81
CA VAL A 207 10.24 -2.17 -15.36
C VAL A 207 9.71 -1.55 -14.08
N ILE A 208 10.58 -0.81 -13.39
CA ILE A 208 10.26 -0.34 -12.05
C ILE A 208 10.76 1.09 -11.82
N ASN A 209 9.93 1.92 -11.19
CA ASN A 209 10.30 3.31 -10.92
C ASN A 209 9.57 3.84 -9.70
N MET A 210 9.67 5.15 -9.48
CA MET A 210 9.05 5.78 -8.32
C MET A 210 8.08 6.90 -8.64
N THR A 211 7.82 7.21 -9.92
CA THR A 211 7.04 8.41 -10.26
C THR A 211 5.85 8.27 -11.21
N THR A 212 5.69 7.16 -11.93
CA THR A 212 4.61 7.07 -12.91
C THR A 212 3.22 7.27 -12.30
N VAL A 213 2.96 6.61 -11.17
CA VAL A 213 1.75 6.80 -10.40
C VAL A 213 2.09 7.82 -9.32
N PRO A 214 1.29 8.88 -9.11
CA PRO A 214 -0.04 9.09 -9.68
C PRO A 214 -0.09 10.04 -10.87
N GLU A 215 1.06 10.41 -11.41
CA GLU A 215 1.16 11.32 -12.55
C GLU A 215 0.20 10.93 -13.69
N VAL A 216 0.33 9.68 -14.14
CA VAL A 216 -0.49 9.14 -15.21
C VAL A 216 -1.99 9.23 -14.92
N VAL A 217 -2.36 9.01 -13.65
CA VAL A 217 -3.74 9.02 -13.23
C VAL A 217 -4.35 10.43 -13.27
N LEU A 218 -3.61 11.37 -12.70
CA LEU A 218 -4.04 12.77 -12.63
C LEU A 218 -4.13 13.38 -14.04
N ALA A 219 -3.21 13.01 -14.93
CA ALA A 219 -3.27 13.50 -16.31
C ALA A 219 -4.54 13.04 -17.01
N LYS A 220 -4.94 11.79 -16.79
CA LYS A 220 -6.17 11.26 -17.38
C LYS A 220 -7.38 11.98 -16.82
N GLU A 221 -7.39 12.27 -15.51
CA GLU A 221 -8.49 13.05 -14.91
C GLU A 221 -8.62 14.44 -15.53
N ALA A 222 -7.49 15.05 -15.84
CA ALA A 222 -7.44 16.37 -16.48
C ALA A 222 -7.69 16.35 -17.98
N GLY A 223 -7.92 15.16 -18.57
CA GLY A 223 -8.18 15.03 -19.99
C GLY A 223 -7.00 15.32 -20.87
N ILE A 224 -5.80 15.04 -20.37
CA ILE A 224 -4.55 15.29 -21.07
C ILE A 224 -4.03 13.98 -21.64
N CYS A 225 -3.55 14.03 -22.88
CA CYS A 225 -2.91 12.90 -23.54
CA CYS A 225 -2.92 12.88 -23.55
C CYS A 225 -1.54 12.68 -22.92
N TYR A 226 -1.38 11.60 -22.17
CA TYR A 226 -0.14 11.34 -21.41
C TYR A 226 0.59 10.14 -21.97
N ALA A 227 1.91 10.29 -22.17
CA ALA A 227 2.77 9.18 -22.48
C ALA A 227 4.09 9.29 -21.75
N SER A 228 4.77 8.16 -21.65
CA SER A 228 6.00 8.07 -20.92
C SER A 228 7.13 7.41 -21.72
N ILE A 229 8.30 8.03 -21.65
CA ILE A 229 9.55 7.48 -22.15
C ILE A 229 10.34 6.97 -20.95
N ALA A 230 10.48 5.67 -20.83
CA ALA A 230 11.19 5.10 -19.69
C ALA A 230 12.50 4.60 -20.22
N MET A 231 13.59 4.96 -19.55
CA MET A 231 14.91 4.45 -19.93
C MET A 231 15.46 3.55 -18.82
N ALA A 232 15.70 2.30 -19.14
CA ALA A 232 16.28 1.34 -18.20
C ALA A 232 17.71 1.73 -17.86
N THR A 233 18.02 1.76 -16.56
CA THR A 233 19.34 2.16 -16.09
C THR A 233 20.08 1.08 -15.32
N ASP A 234 19.42 -0.06 -15.07
CA ASP A 234 19.94 -1.11 -14.21
C ASP A 234 18.99 -2.29 -14.29
N TYR A 235 19.35 -3.39 -13.65
CA TYR A 235 18.55 -4.59 -13.59
C TYR A 235 17.96 -4.80 -12.16
N ASP A 236 17.72 -3.71 -11.43
CA ASP A 236 17.20 -3.78 -10.08
C ASP A 236 18.11 -4.73 -9.29
N CYS A 237 17.60 -5.75 -8.59
CA CYS A 237 18.50 -6.67 -7.89
C CYS A 237 18.08 -8.13 -8.04
N TRP A 238 17.29 -8.44 -9.07
CA TRP A 238 16.77 -9.81 -9.24
C TRP A 238 17.80 -10.77 -9.85
N LYS A 239 18.86 -10.27 -10.44
CA LYS A 239 19.99 -11.15 -10.77
C LYS A 239 20.92 -11.26 -9.56
N GLU A 240 20.99 -12.45 -8.95
CA GLU A 240 22.05 -12.75 -7.95
C GLU A 240 23.51 -12.79 -8.53
N HIS A 241 23.65 -12.81 -9.87
CA HIS A 241 24.95 -12.80 -10.57
C HIS A 241 25.25 -11.52 -11.38
N GLU A 242 24.76 -10.37 -10.93
CA GLU A 242 25.14 -9.06 -11.47
C GLU A 242 25.15 -7.97 -10.39
N GLU A 243 25.62 -6.78 -10.74
CA GLU A 243 25.71 -5.65 -9.80
C GLU A 243 24.30 -5.13 -9.56
N ALA A 244 23.90 -5.08 -8.29
CA ALA A 244 22.58 -4.58 -7.95
C ALA A 244 22.51 -3.07 -8.16
N VAL A 245 21.30 -2.57 -8.25
CA VAL A 245 21.07 -1.15 -8.42
C VAL A 245 21.59 -0.33 -7.24
N SER A 246 22.11 0.85 -7.56
CA SER A 246 22.44 1.87 -6.58
C SER A 246 22.29 3.18 -7.34
N VAL A 247 22.33 4.28 -6.61
CA VAL A 247 22.25 5.59 -7.24
C VAL A 247 23.38 5.78 -8.26
N ASP A 248 24.59 5.35 -7.93
CA ASP A 248 25.73 5.53 -8.83
C ASP A 248 25.60 4.72 -10.12
N ARG A 249 25.06 3.51 -10.02
CA ARG A 249 24.78 2.69 -11.20
C ARG A 249 23.77 3.39 -12.13
N VAL A 250 22.75 4.00 -11.53
CA VAL A 250 21.73 4.70 -12.31
C VAL A 250 22.35 5.92 -13.02
N LEU A 251 23.08 6.73 -12.24
CA LEU A 251 23.71 7.94 -12.76
C LEU A 251 24.71 7.62 -13.87
N LYS A 252 25.50 6.57 -13.69
CA LYS A 252 26.44 6.14 -14.72
C LYS A 252 25.74 5.80 -16.02
N THR A 253 24.65 5.03 -15.96
CA THR A 253 23.94 4.63 -17.18
C THR A 253 23.30 5.83 -17.86
N LEU A 254 22.76 6.76 -17.09
CA LEU A 254 22.18 7.97 -17.65
C LEU A 254 23.24 8.83 -18.33
N LYS A 255 24.41 8.95 -17.72
CA LYS A 255 25.52 9.69 -18.33
C LYS A 255 25.88 9.10 -19.68
N GLU A 256 25.97 7.78 -19.77
CA GLU A 256 26.29 7.09 -21.02
C GLU A 256 25.14 7.04 -22.05
N ASN A 257 23.89 7.33 -21.65
CA ASN A 257 22.71 7.07 -22.51
C ASN A 257 21.61 8.13 -22.57
N ALA A 258 21.62 9.14 -21.73
CA ALA A 258 20.45 10.06 -21.61
C ALA A 258 20.14 10.83 -22.89
N ASN A 259 21.16 11.08 -23.71
CA ASN A 259 20.96 11.73 -25.01
C ASN A 259 20.00 10.99 -25.94
N LYS A 260 19.89 9.69 -25.84
CA LYS A 260 18.92 8.93 -26.62
C LYS A 260 17.49 9.37 -26.31
N ALA A 261 17.19 9.55 -25.03
CA ALA A 261 15.85 9.97 -24.62
C ALA A 261 15.58 11.40 -25.09
N LYS A 262 16.60 12.25 -25.00
CA LYS A 262 16.48 13.62 -25.46
C LYS A 262 16.22 13.70 -26.97
N SER A 263 16.97 12.93 -27.76
CA SER A 263 16.75 12.85 -29.21
C SER A 263 15.36 12.35 -29.57
N LEU A 264 14.90 11.28 -28.91
CA LEU A 264 13.56 10.77 -29.14
C LEU A 264 12.51 11.84 -28.91
N LEU A 265 12.67 12.54 -27.79
CA LEU A 265 11.70 13.56 -27.44
C LEU A 265 11.73 14.73 -28.43
N LEU A 266 12.93 15.20 -28.78
CA LEU A 266 13.08 16.29 -29.77
C LEU A 266 12.53 15.94 -31.14
N THR A 267 12.76 14.73 -31.60
CA THR A 267 12.24 14.28 -32.90
C THR A 267 10.72 14.03 -32.86
N THR A 268 10.22 13.61 -31.70
CA THR A 268 8.79 13.33 -31.53
C THR A 268 7.95 14.60 -31.50
N ILE A 269 8.45 15.66 -30.86
CA ILE A 269 7.65 16.88 -30.67
C ILE A 269 7.01 17.43 -31.98
N PRO A 270 7.80 17.60 -33.04
CA PRO A 270 7.19 18.07 -34.31
C PRO A 270 6.19 17.10 -34.94
N GLN A 271 6.38 15.79 -34.76
CA GLN A 271 5.40 14.81 -35.24
C GLN A 271 4.06 14.96 -34.51
N ILE A 272 4.11 15.24 -33.20
CA ILE A 272 2.90 15.47 -32.41
C ILE A 272 2.22 16.77 -32.89
N GLY A 273 3.04 17.80 -33.12
CA GLY A 273 2.57 19.09 -33.63
C GLY A 273 1.85 19.06 -34.96
N SER A 274 2.15 18.06 -35.80
CA SER A 274 1.50 17.92 -37.10
C SER A 274 0.62 16.65 -37.24
N THR A 275 0.23 16.05 -36.12
CA THR A 275 -0.78 14.99 -36.10
C THR A 275 -2.13 15.66 -35.79
N GLU A 276 -3.23 15.07 -36.24
CA GLU A 276 -4.57 15.54 -35.86
C GLU A 276 -4.93 14.93 -34.50
N TRP A 277 -5.50 15.74 -33.61
CA TRP A 277 -5.83 15.31 -32.23
C TRP A 277 -7.29 15.49 -31.76
N SER A 278 -8.12 16.18 -32.53
CA SER A 278 -9.41 16.65 -31.97
C SER A 278 -10.33 15.51 -31.51
N GLU A 279 -10.34 14.38 -32.22
CA GLU A 279 -11.12 13.21 -31.81
C GLU A 279 -10.55 12.55 -30.54
N THR A 280 -9.24 12.32 -30.53
CA THR A 280 -8.53 11.82 -29.36
C THR A 280 -8.80 12.67 -28.12
N LEU A 281 -8.63 13.99 -28.26
CA LEU A 281 -8.85 14.90 -27.14
C LEU A 281 -10.32 14.98 -26.72
N HIS A 282 -11.23 14.87 -27.69
CA HIS A 282 -12.67 14.86 -27.42
C HIS A 282 -13.07 13.63 -26.60
N ASN A 283 -12.59 12.46 -27.01
CA ASN A 283 -12.84 11.22 -26.28
C ASN A 283 -12.25 11.25 -24.84
N LEU A 284 -11.01 11.75 -24.70
CA LEU A 284 -10.43 11.95 -23.36
C LEU A 284 -11.27 12.90 -22.52
N LYS A 285 -11.73 13.99 -23.12
CA LYS A 285 -12.56 14.96 -22.41
C LYS A 285 -13.87 14.32 -21.93
N ASN A 286 -14.51 13.55 -22.81
CA ASN A 286 -15.76 12.86 -22.46
C ASN A 286 -15.54 11.84 -21.34
N MET A 287 -14.51 11.01 -21.49
CA MET A 287 -14.15 10.04 -20.45
C MET A 287 -13.96 10.72 -19.10
N ALA A 288 -13.19 11.80 -19.07
CA ALA A 288 -12.96 12.56 -17.83
C ALA A 288 -14.26 13.11 -17.26
N GLN A 289 -15.00 13.83 -18.10
CA GLN A 289 -16.29 14.43 -17.73
C GLN A 289 -17.30 13.43 -17.16
N PHE A 290 -17.50 12.30 -17.84
CA PHE A 290 -18.51 11.31 -17.42
C PHE A 290 -18.03 10.32 -16.32
N SER A 291 -16.80 10.51 -15.83
CA SER A 291 -16.28 9.76 -14.68
CA SER A 291 -16.28 9.76 -14.68
C SER A 291 -16.65 10.46 -13.36
N VAL A 292 -17.20 11.67 -13.45
CA VAL A 292 -17.51 12.48 -12.28
C VAL A 292 -18.95 12.24 -11.82
N LEU A 293 -19.13 11.85 -10.56
CA LEU A 293 -20.44 11.75 -9.92
C LEU A 293 -20.75 13.02 -9.13
N LEU A 294 -21.98 13.52 -9.25
CA LEU A 294 -22.41 14.70 -8.49
C LEU A 294 -23.68 14.41 -7.66
N PRO A 295 -23.85 15.10 -6.51
CA PRO A 295 -24.96 14.87 -5.55
C PRO A 295 -26.38 14.66 -6.14
N ALA B 23 -31.96 -9.30 21.83
CA ALA B 23 -32.61 -8.22 21.02
C ALA B 23 -31.74 -7.86 19.81
N VAL B 24 -32.02 -8.42 18.64
CA VAL B 24 -31.21 -8.08 17.46
C VAL B 24 -31.55 -6.66 16.98
N LYS B 25 -30.52 -5.95 16.53
CA LYS B 25 -30.69 -4.67 15.85
C LYS B 25 -29.73 -4.59 14.69
N ILE B 26 -30.26 -4.38 13.49
CA ILE B 26 -29.48 -4.49 12.25
C ILE B 26 -29.11 -3.12 11.66
N GLY B 27 -27.81 -2.79 11.70
CA GLY B 27 -27.28 -1.68 10.91
C GLY B 27 -27.29 -2.03 9.42
N ILE B 28 -27.71 -1.09 8.58
CA ILE B 28 -27.77 -1.31 7.15
C ILE B 28 -27.03 -0.15 6.46
N ILE B 29 -26.01 -0.51 5.67
CA ILE B 29 -25.17 0.46 5.00
C ILE B 29 -25.28 0.25 3.50
N GLY B 30 -25.53 1.34 2.77
CA GLY B 30 -25.63 1.34 1.31
C GLY B 30 -26.79 0.55 0.74
N GLY B 31 -27.80 0.24 1.57
CA GLY B 31 -28.83 -0.74 1.24
C GLY B 31 -29.96 -0.28 0.35
N THR B 32 -29.62 0.41 -0.75
CA THR B 32 -30.57 0.93 -1.75
C THR B 32 -31.53 1.96 -1.09
N GLY B 33 -32.82 1.91 -1.43
CA GLY B 33 -33.84 2.71 -0.77
C GLY B 33 -34.71 1.84 0.11
N LEU B 34 -34.18 1.50 1.27
CA LEU B 34 -34.99 0.93 2.36
C LEU B 34 -35.57 2.05 3.22
N ASP B 35 -35.05 3.28 3.08
CA ASP B 35 -35.64 4.43 3.72
C ASP B 35 -36.89 4.84 2.95
N ASP B 36 -37.98 4.13 3.22
CA ASP B 36 -39.23 4.24 2.50
C ASP B 36 -40.34 4.00 3.53
N PRO B 37 -41.35 4.88 3.61
CA PRO B 37 -42.48 4.64 4.53
C PRO B 37 -43.27 3.34 4.31
N GLU B 38 -43.30 2.83 3.08
CA GLU B 38 -43.89 1.50 2.80
C GLU B 38 -43.11 0.33 3.43
N ILE B 39 -41.80 0.55 3.70
CA ILE B 39 -40.89 -0.48 4.24
C ILE B 39 -40.54 -0.24 5.72
N LEU B 40 -40.13 0.98 6.05
CA LEU B 40 -39.58 1.32 7.37
C LEU B 40 -40.66 1.97 8.24
N GLU B 41 -40.97 1.36 9.38
CA GLU B 41 -42.04 1.83 10.26
C GLU B 41 -41.38 2.57 11.40
N GLY B 42 -42.04 3.62 11.88
CA GLY B 42 -41.51 4.40 13.00
C GLY B 42 -40.26 5.20 12.70
N ARG B 43 -40.19 5.77 11.51
CA ARG B 43 -39.00 6.46 11.03
C ARG B 43 -38.58 7.59 11.96
N THR B 44 -37.33 7.55 12.40
CA THR B 44 -36.75 8.52 13.31
C THR B 44 -35.35 8.86 12.81
N GLU B 45 -35.16 10.10 12.39
CA GLU B 45 -33.87 10.58 11.90
C GLU B 45 -33.05 11.05 13.11
N LYS B 46 -31.74 10.93 13.01
CA LYS B 46 -30.83 11.20 14.13
C LYS B 46 -29.39 11.51 13.68
N TYR B 47 -28.89 12.71 14.01
CA TYR B 47 -27.51 13.12 13.74
C TYR B 47 -26.70 12.89 15.03
N VAL B 48 -25.64 12.09 14.96
CA VAL B 48 -24.78 11.81 16.12
C VAL B 48 -23.34 12.26 15.89
N ASP B 49 -22.59 12.37 16.98
CA ASP B 49 -21.19 12.69 16.94
C ASP B 49 -20.47 11.55 17.64
N THR B 50 -19.23 11.28 17.21
CA THR B 50 -18.43 10.21 17.78
C THR B 50 -17.06 10.78 18.11
N PRO B 51 -16.28 10.07 18.92
CA PRO B 51 -14.88 10.45 19.12
C PRO B 51 -14.06 10.52 17.82
N PHE B 52 -14.55 9.93 16.74
CA PHE B 52 -13.85 9.88 15.45
C PHE B 52 -14.41 10.86 14.42
N GLY B 53 -15.29 11.77 14.86
CA GLY B 53 -15.93 12.73 13.96
C GLY B 53 -17.34 12.31 13.58
N LYS B 54 -17.88 12.98 12.57
CA LYS B 54 -19.27 12.81 12.18
C LYS B 54 -19.43 11.62 11.24
N PRO B 55 -20.51 10.84 11.42
CA PRO B 55 -20.81 9.81 10.42
C PRO B 55 -21.10 10.39 9.05
N SER B 56 -21.18 9.52 8.05
CA SER B 56 -21.44 9.91 6.68
C SER B 56 -22.77 10.63 6.48
N ASP B 57 -23.76 10.22 7.25
CA ASP B 57 -25.12 10.73 7.14
C ASP B 57 -25.72 10.61 8.52
N ALA B 58 -26.95 11.11 8.66
CA ALA B 58 -27.73 10.85 9.87
C ALA B 58 -28.13 9.37 9.91
N LEU B 59 -28.25 8.84 11.11
CA LEU B 59 -28.79 7.50 11.33
C LEU B 59 -30.30 7.57 11.23
N ILE B 60 -30.90 6.67 10.45
CA ILE B 60 -32.36 6.55 10.33
C ILE B 60 -32.81 5.30 11.08
N LEU B 61 -33.50 5.48 12.20
CA LEU B 61 -34.01 4.36 13.01
C LEU B 61 -35.44 3.99 12.61
N GLY B 62 -35.82 2.75 12.89
CA GLY B 62 -37.14 2.23 12.50
C GLY B 62 -37.19 0.72 12.48
N LYS B 63 -38.33 0.15 12.15
CA LYS B 63 -38.50 -1.30 12.08
C LYS B 63 -38.85 -1.71 10.67
N ILE B 64 -38.25 -2.82 10.23
CA ILE B 64 -38.49 -3.37 8.91
C ILE B 64 -38.85 -4.82 9.18
N LYS B 65 -40.05 -5.21 8.78
CA LYS B 65 -40.59 -6.54 9.07
C LYS B 65 -40.50 -6.88 10.57
N ASN B 66 -40.80 -5.92 11.44
CA ASN B 66 -40.75 -6.02 12.87
C ASN B 66 -39.39 -6.24 13.57
N VAL B 67 -38.32 -5.93 12.84
CA VAL B 67 -36.96 -6.00 13.36
C VAL B 67 -36.40 -4.59 13.41
N ASP B 68 -35.83 -4.20 14.56
CA ASP B 68 -35.19 -2.91 14.70
C ASP B 68 -33.99 -2.78 13.74
N CYS B 69 -33.97 -1.69 12.97
CA CYS B 69 -32.93 -1.42 11.98
C CYS B 69 -32.42 0.00 12.11
N VAL B 70 -31.17 0.22 11.68
CA VAL B 70 -30.52 1.52 11.68
C VAL B 70 -29.93 1.71 10.29
N LEU B 71 -30.44 2.66 9.52
CA LEU B 71 -29.96 2.91 8.18
C LEU B 71 -28.89 4.00 8.20
N LEU B 72 -27.88 3.80 7.36
CA LEU B 72 -26.78 4.74 7.23
C LEU B 72 -26.22 4.72 5.82
N ALA B 73 -26.42 5.82 5.09
CA ALA B 73 -25.88 5.99 3.74
C ALA B 73 -24.34 6.21 3.84
N ARG B 74 -23.58 5.42 3.05
CA ARG B 74 -22.11 5.37 3.17
C ARG B 74 -21.42 6.63 2.69
N HIS B 75 -21.89 7.16 1.55
CA HIS B 75 -21.35 8.39 0.95
C HIS B 75 -22.41 9.49 1.11
N THR B 80 -20.71 11.39 -3.72
CA THR B 80 -20.49 12.70 -3.09
C THR B 80 -19.12 12.80 -2.37
N ILE B 81 -18.73 11.70 -1.72
CA ILE B 81 -17.45 11.57 -0.99
C ILE B 81 -16.64 10.37 -1.56
N MET B 82 -15.36 10.57 -1.85
CA MET B 82 -14.54 9.46 -2.33
C MET B 82 -14.40 8.37 -1.24
N PRO B 83 -14.37 7.08 -1.65
CA PRO B 83 -14.29 5.99 -0.67
C PRO B 83 -13.13 6.14 0.32
N SER B 84 -12.01 6.74 -0.12
CA SER B 84 -10.88 7.08 0.75
C SER B 84 -11.22 7.99 1.92
N LYS B 85 -12.25 8.82 1.78
CA LYS B 85 -12.58 9.87 2.77
C LYS B 85 -13.78 9.54 3.63
N VAL B 86 -14.45 8.42 3.38
CA VAL B 86 -15.62 8.05 4.18
C VAL B 86 -15.14 7.81 5.60
N ASN B 87 -15.91 8.29 6.58
CA ASN B 87 -15.51 8.17 7.98
C ASN B 87 -16.02 6.82 8.51
N TYR B 88 -15.33 5.76 8.13
CA TYR B 88 -15.71 4.41 8.48
C TYR B 88 -15.71 4.22 9.99
N GLN B 89 -14.73 4.80 10.67
CA GLN B 89 -14.63 4.69 12.12
C GLN B 89 -15.87 5.30 12.78
N ALA B 90 -16.24 6.51 12.38
CA ALA B 90 -17.43 7.17 12.92
C ALA B 90 -18.70 6.38 12.60
N ASN B 91 -18.81 5.87 11.37
CA ASN B 91 -19.99 5.08 10.97
C ASN B 91 -20.18 3.85 11.85
N ILE B 92 -19.13 3.05 12.00
CA ILE B 92 -19.22 1.84 12.79
C ILE B 92 -19.38 2.13 14.28
N TRP B 93 -18.65 3.12 14.78
CA TRP B 93 -18.83 3.55 16.17
C TRP B 93 -20.27 3.95 16.46
N ALA B 94 -20.86 4.75 15.57
CA ALA B 94 -22.26 5.16 15.72
C ALA B 94 -23.21 3.98 15.77
N LEU B 95 -23.05 3.03 14.85
CA LEU B 95 -23.93 1.86 14.82
C LEU B 95 -23.79 1.03 16.08
N LYS B 96 -22.55 0.87 16.57
CA LYS B 96 -22.29 0.17 17.81
C LYS B 96 -22.96 0.86 19.00
N GLU B 97 -22.84 2.18 19.04
CA GLU B 97 -23.37 2.99 20.16
C GLU B 97 -24.90 2.95 20.16
N GLU B 98 -25.50 2.77 19.00
CA GLU B 98 -26.94 2.60 18.88
C GLU B 98 -27.45 1.19 19.25
N GLY B 99 -26.56 0.26 19.59
CA GLY B 99 -26.93 -1.10 19.98
C GLY B 99 -27.00 -2.13 18.85
N CYS B 100 -26.45 -1.79 17.68
CA CYS B 100 -26.49 -2.74 16.56
C CYS B 100 -25.69 -4.01 16.93
N THR B 101 -26.31 -5.15 16.71
CA THR B 101 -25.67 -6.44 16.86
C THR B 101 -25.16 -6.99 15.53
N HIS B 102 -25.80 -6.54 14.45
CA HIS B 102 -25.51 -6.96 13.10
C HIS B 102 -25.34 -5.73 12.24
N VAL B 103 -24.54 -5.85 11.19
CA VAL B 103 -24.45 -4.88 10.12
C VAL B 103 -24.47 -5.68 8.82
N ILE B 104 -25.36 -5.31 7.91
CA ILE B 104 -25.38 -5.86 6.58
C ILE B 104 -25.15 -4.69 5.61
N VAL B 105 -24.11 -4.80 4.80
CA VAL B 105 -23.78 -3.78 3.82
C VAL B 105 -24.08 -4.29 2.44
N THR B 106 -24.46 -3.39 1.54
CA THR B 106 -24.58 -3.74 0.13
C THR B 106 -23.58 -2.90 -0.63
N THR B 107 -22.90 -3.51 -1.58
CA THR B 107 -21.87 -2.84 -2.37
C THR B 107 -21.95 -3.30 -3.81
N ALA B 108 -21.71 -2.39 -4.75
CA ALA B 108 -21.39 -2.79 -6.13
C ALA B 108 -19.95 -3.27 -6.16
N CYS B 109 -19.60 -4.01 -7.20
CA CYS B 109 -18.24 -4.49 -7.38
C CYS B 109 -17.98 -4.92 -8.81
N GLY B 110 -16.71 -4.97 -9.19
CA GLY B 110 -16.31 -5.49 -10.49
C GLY B 110 -16.12 -6.99 -10.34
N SER B 111 -16.37 -7.74 -11.41
CA SER B 111 -16.09 -9.17 -11.41
C SER B 111 -14.73 -9.43 -12.01
N LEU B 112 -13.95 -10.27 -11.32
CA LEU B 112 -12.65 -10.73 -11.83
C LEU B 112 -12.71 -12.17 -12.31
N ARG B 113 -13.91 -12.74 -12.47
CA ARG B 113 -14.10 -14.15 -12.89
C ARG B 113 -15.22 -14.25 -13.90
N GLU B 114 -15.02 -15.02 -14.97
CA GLU B 114 -16.03 -15.20 -16.03
C GLU B 114 -17.38 -15.60 -15.42
N GLU B 115 -17.35 -16.54 -14.47
CA GLU B 115 -18.56 -17.06 -13.87
C GLU B 115 -19.38 -16.09 -13.05
N ILE B 116 -18.76 -15.01 -12.57
CA ILE B 116 -19.50 -13.97 -11.83
C ILE B 116 -19.90 -12.92 -12.86
N GLN B 117 -21.15 -12.99 -13.30
CA GLN B 117 -21.62 -12.10 -14.36
C GLN B 117 -22.20 -10.83 -13.76
N PRO B 118 -22.20 -9.74 -14.52
CA PRO B 118 -22.90 -8.52 -14.08
C PRO B 118 -24.34 -8.81 -13.72
N GLY B 119 -24.78 -8.30 -12.57
CA GLY B 119 -26.08 -8.61 -12.02
C GLY B 119 -26.05 -9.68 -10.95
N ASP B 120 -25.02 -10.54 -10.95
CA ASP B 120 -24.90 -11.58 -9.92
C ASP B 120 -24.61 -10.97 -8.55
N ILE B 121 -25.10 -11.65 -7.54
CA ILE B 121 -24.80 -11.35 -6.15
C ILE B 121 -23.69 -12.31 -5.71
N VAL B 122 -22.79 -11.78 -4.90
CA VAL B 122 -21.72 -12.58 -4.30
C VAL B 122 -21.78 -12.34 -2.83
N ILE B 123 -21.98 -13.42 -2.07
CA ILE B 123 -21.94 -13.33 -0.62
C ILE B 123 -20.49 -13.57 -0.21
N ILE B 124 -19.70 -12.49 -0.20
CA ILE B 124 -18.26 -12.59 0.02
C ILE B 124 -17.90 -13.16 1.39
N ASP B 125 -16.82 -13.93 1.43
CA ASP B 125 -16.32 -14.50 2.68
C ASP B 125 -14.87 -14.14 3.03
N GLN B 126 -14.15 -13.48 2.12
CA GLN B 126 -12.79 -13.04 2.37
C GLN B 126 -12.55 -11.68 1.72
N PHE B 127 -11.46 -11.03 2.13
CA PHE B 127 -10.99 -9.85 1.45
C PHE B 127 -9.48 -9.86 1.30
N ILE B 128 -9.01 -9.05 0.35
CA ILE B 128 -7.62 -8.70 0.22
C ILE B 128 -7.56 -7.17 0.27
N ASP B 129 -6.77 -6.65 1.20
CA ASP B 129 -6.62 -5.20 1.35
C ASP B 129 -5.61 -4.60 0.36
N ARG B 130 -6.07 -3.72 -0.52
CA ARG B 130 -5.19 -2.87 -1.34
C ARG B 130 -5.38 -1.39 -1.01
N THR B 131 -5.97 -1.08 0.14
CA THR B 131 -6.06 0.32 0.59
C THR B 131 -4.75 0.76 1.22
N THR B 132 -4.55 2.07 1.26
CA THR B 132 -3.31 2.66 1.80
C THR B 132 -3.56 3.81 2.81
N MET B 133 -4.64 4.56 2.67
CA MET B 133 -4.82 5.77 3.47
C MET B 133 -5.78 5.62 4.64
N ARG B 134 -6.17 4.41 5.01
CA ARG B 134 -7.34 4.23 5.83
C ARG B 134 -7.03 3.76 7.22
N PRO B 135 -7.52 4.49 8.23
CA PRO B 135 -7.42 3.96 9.61
C PRO B 135 -8.26 2.70 9.72
N GLN B 136 -7.72 1.67 10.35
CA GLN B 136 -8.36 0.36 10.39
C GLN B 136 -8.67 -0.14 11.80
N SER B 137 -8.59 0.76 12.78
CA SER B 137 -8.73 0.40 14.17
C SER B 137 -9.31 1.58 14.93
N PHE B 138 -10.09 1.28 15.95
CA PHE B 138 -10.53 2.27 16.92
C PHE B 138 -9.45 2.57 17.94
N TYR B 139 -8.56 1.60 18.16
CA TYR B 139 -7.59 1.65 19.26
C TYR B 139 -6.27 2.22 18.77
N ASP B 140 -6.30 3.52 18.47
CA ASP B 140 -5.19 4.24 17.84
C ASP B 140 -4.28 5.03 18.78
N GLY B 141 -4.44 4.85 20.09
CA GLY B 141 -3.69 5.61 21.10
C GLY B 141 -4.10 7.06 21.38
N SER B 142 -5.14 7.56 20.71
CA SER B 142 -5.60 8.96 20.84
C SER B 142 -7.08 9.10 21.21
N HIS B 143 -7.72 7.99 21.60
CA HIS B 143 -9.13 8.00 21.96
C HIS B 143 -9.24 7.06 23.15
N SER B 144 -9.49 7.60 24.33
CA SER B 144 -9.53 6.75 25.53
C SER B 144 -10.91 6.14 25.87
N CYS B 145 -11.86 6.18 24.93
CA CYS B 145 -12.95 5.18 24.86
C CYS B 145 -12.44 3.89 24.22
N ALA B 146 -11.27 3.94 23.58
CA ALA B 146 -10.62 2.81 22.98
C ALA B 146 -9.12 2.87 23.31
N ARG B 147 -8.80 2.63 24.58
CA ARG B 147 -7.42 2.60 25.06
C ARG B 147 -6.80 1.23 24.79
N GLY B 148 -5.48 1.23 24.58
CA GLY B 148 -4.70 0.01 24.38
C GLY B 148 -4.44 -0.23 22.91
N VAL B 149 -3.98 -1.43 22.56
CA VAL B 149 -3.71 -1.80 21.15
C VAL B 149 -4.53 -3.04 20.84
N CYS B 150 -5.20 -3.03 19.70
CA CYS B 150 -6.07 -4.13 19.34
C CYS B 150 -5.55 -4.85 18.11
N HIS B 151 -5.35 -6.16 18.23
CA HIS B 151 -4.98 -7.01 17.10
C HIS B 151 -6.09 -8.00 16.81
N ILE B 152 -7.05 -7.56 16.01
CA ILE B 152 -8.27 -8.31 15.77
C ILE B 152 -7.98 -9.47 14.78
N PRO B 153 -8.45 -10.69 15.08
CA PRO B 153 -8.29 -11.77 14.07
C PRO B 153 -9.18 -11.51 12.86
N MET B 154 -8.71 -11.86 11.68
CA MET B 154 -9.41 -11.66 10.43
C MET B 154 -9.49 -12.96 9.59
N ALA B 155 -9.22 -14.11 10.22
CA ALA B 155 -9.33 -15.39 9.53
C ALA B 155 -10.69 -15.56 8.86
N GLU B 156 -11.73 -15.14 9.56
CA GLU B 156 -13.13 -15.24 9.09
C GLU B 156 -13.76 -13.86 9.28
N PRO B 157 -13.53 -12.94 8.33
CA PRO B 157 -13.98 -11.59 8.58
C PRO B 157 -15.50 -11.39 8.54
N PHE B 158 -16.23 -12.27 7.83
CA PHE B 158 -17.67 -12.08 7.66
C PHE B 158 -18.45 -13.13 8.47
N CYS B 159 -19.53 -12.70 9.10
CA CYS B 159 -20.32 -13.54 10.02
CA CYS B 159 -20.31 -13.55 10.02
C CYS B 159 -20.87 -14.76 9.28
N PRO B 160 -20.42 -16.00 9.65
CA PRO B 160 -20.89 -17.20 8.90
C PRO B 160 -22.41 -17.45 8.91
N LYS B 161 -23.05 -17.21 10.04
CA LYS B 161 -24.49 -17.49 10.17
C LYS B 161 -25.30 -16.54 9.32
N THR B 162 -24.96 -15.25 9.38
CA THR B 162 -25.61 -14.26 8.51
C THR B 162 -25.41 -14.62 7.05
N ARG B 163 -24.19 -14.98 6.67
CA ARG B 163 -23.94 -15.38 5.29
C ARG B 163 -24.80 -16.58 4.88
N GLU B 164 -24.97 -17.54 5.78
CA GLU B 164 -25.77 -18.73 5.47
C GLU B 164 -27.23 -18.36 5.19
N VAL B 165 -27.75 -17.42 5.98
CA VAL B 165 -29.13 -16.95 5.80
C VAL B 165 -29.25 -16.21 4.46
N LEU B 166 -28.28 -15.36 4.13
CA LEU B 166 -28.25 -14.68 2.84
C LEU B 166 -28.25 -15.66 1.67
N ILE B 167 -27.41 -16.67 1.77
CA ILE B 167 -27.30 -17.67 0.71
C ILE B 167 -28.62 -18.42 0.53
N GLU B 168 -29.19 -18.88 1.65
CA GLU B 168 -30.43 -19.65 1.61
C GLU B 168 -31.58 -18.80 1.07
N THR B 169 -31.68 -17.55 1.53
CA THR B 169 -32.70 -16.64 1.08
C THR B 169 -32.60 -16.32 -0.40
N ALA B 170 -31.38 -16.12 -0.90
CA ALA B 170 -31.16 -15.90 -2.33
C ALA B 170 -31.61 -17.08 -3.17
N LYS B 171 -31.37 -18.30 -2.70
CA LYS B 171 -31.83 -19.51 -3.40
C LYS B 171 -33.36 -19.53 -3.49
N LYS B 172 -34.03 -19.24 -2.38
CA LYS B 172 -35.50 -19.17 -2.30
C LYS B 172 -36.08 -18.13 -3.23
N LEU B 173 -35.42 -16.97 -3.30
CA LEU B 173 -35.84 -15.90 -4.20
C LEU B 173 -35.48 -16.14 -5.67
N GLY B 174 -34.79 -17.24 -5.98
CA GLY B 174 -34.40 -17.53 -7.36
C GLY B 174 -33.31 -16.64 -7.93
N LEU B 175 -32.51 -16.02 -7.06
CA LEU B 175 -31.50 -15.04 -7.50
C LEU B 175 -30.19 -15.71 -7.92
N ARG B 176 -29.54 -15.13 -8.93
CA ARG B 176 -28.18 -15.57 -9.31
C ARG B 176 -27.23 -15.17 -8.18
N CYS B 177 -26.63 -16.14 -7.52
CA CYS B 177 -25.90 -15.87 -6.28
C CYS B 177 -24.71 -16.80 -6.12
N HIS B 178 -23.57 -16.23 -5.72
CA HIS B 178 -22.39 -17.02 -5.41
C HIS B 178 -22.20 -17.06 -3.92
N SER B 179 -22.01 -18.27 -3.43
CA SER B 179 -21.94 -18.56 -2.00
C SER B 179 -20.63 -18.16 -1.32
N LYS B 180 -19.59 -17.84 -2.11
CA LYS B 180 -18.34 -17.34 -1.52
C LYS B 180 -17.62 -16.45 -2.51
N GLY B 181 -16.57 -15.80 -2.03
CA GLY B 181 -15.71 -15.01 -2.90
C GLY B 181 -14.86 -14.01 -2.14
N THR B 182 -13.73 -13.70 -2.74
CA THR B 182 -12.74 -12.83 -2.16
C THR B 182 -12.83 -11.48 -2.82
N MET B 183 -13.11 -10.46 -2.01
CA MET B 183 -13.13 -9.08 -2.45
C MET B 183 -11.76 -8.42 -2.26
N VAL B 184 -11.19 -7.91 -3.35
CA VAL B 184 -10.06 -7.00 -3.25
C VAL B 184 -10.59 -5.57 -3.16
N THR B 185 -10.21 -4.85 -2.11
CA THR B 185 -10.62 -3.45 -1.98
C THR B 185 -9.45 -2.55 -2.32
N ILE B 186 -9.63 -1.72 -3.35
CA ILE B 186 -8.59 -0.82 -3.83
C ILE B 186 -8.84 0.53 -3.19
N GLU B 187 -7.81 1.37 -3.18
CA GLU B 187 -7.90 2.67 -2.50
C GLU B 187 -8.83 3.57 -3.27
N GLY B 188 -8.65 3.58 -4.60
CA GLY B 188 -9.47 4.41 -5.49
C GLY B 188 -9.01 5.85 -5.35
N PRO B 189 -9.74 6.80 -5.89
CA PRO B 189 -11.03 6.61 -6.55
C PRO B 189 -10.96 6.07 -8.00
N ARG B 190 -9.77 6.08 -8.58
CA ARG B 190 -9.56 5.51 -9.91
C ARG B 190 -9.91 4.06 -9.94
N PHE B 191 -10.30 3.59 -11.12
CA PHE B 191 -10.37 2.15 -11.36
C PHE B 191 -8.97 1.60 -11.56
N SER B 192 -8.88 0.28 -11.58
CA SER B 192 -7.63 -0.43 -11.79
C SER B 192 -7.14 -0.39 -13.21
N SER B 193 -5.82 -0.48 -13.36
CA SER B 193 -5.22 -0.72 -14.66
C SER B 193 -5.48 -2.17 -15.08
N ARG B 194 -5.27 -2.46 -16.36
CA ARG B 194 -5.39 -3.84 -16.83
C ARG B 194 -4.36 -4.76 -16.19
N ALA B 195 -3.12 -4.29 -16.04
CA ALA B 195 -2.10 -5.10 -15.38
C ALA B 195 -2.47 -5.39 -13.93
N GLU B 196 -3.07 -4.41 -13.26
CA GLU B 196 -3.55 -4.61 -11.91
C GLU B 196 -4.68 -5.66 -11.87
N SER B 197 -5.63 -5.54 -12.79
CA SER B 197 -6.75 -6.46 -12.88
C SER B 197 -6.28 -7.92 -13.05
N PHE B 198 -5.35 -8.14 -13.98
CA PHE B 198 -4.80 -9.47 -14.19
C PHE B 198 -4.04 -9.99 -12.94
N MET B 199 -3.30 -9.10 -12.29
CA MET B 199 -2.55 -9.45 -11.10
C MET B 199 -3.48 -9.86 -9.95
N PHE B 200 -4.57 -9.13 -9.76
CA PHE B 200 -5.56 -9.45 -8.72
C PHE B 200 -6.17 -10.85 -8.94
N ARG B 201 -6.46 -11.20 -10.20
CA ARG B 201 -6.85 -12.58 -10.53
C ARG B 201 -5.82 -13.62 -10.08
N THR B 202 -4.53 -13.39 -10.33
CA THR B 202 -3.51 -14.32 -9.85
C THR B 202 -3.39 -14.38 -8.33
N TRP B 203 -3.73 -13.30 -7.63
CA TRP B 203 -3.77 -13.29 -6.17
C TRP B 203 -4.93 -14.04 -5.55
N GLY B 204 -5.93 -14.44 -6.35
CA GLY B 204 -7.10 -15.16 -5.84
C GLY B 204 -8.33 -14.29 -5.57
N ALA B 205 -8.34 -13.04 -6.04
CA ALA B 205 -9.47 -12.16 -5.82
C ALA B 205 -10.52 -12.53 -6.85
N ASP B 206 -11.78 -12.49 -6.43
CA ASP B 206 -12.91 -12.78 -7.30
C ASP B 206 -13.71 -11.56 -7.71
N VAL B 207 -13.79 -10.57 -6.84
CA VAL B 207 -14.49 -9.33 -7.11
C VAL B 207 -13.69 -8.17 -6.53
N ILE B 208 -14.01 -6.96 -6.97
CA ILE B 208 -13.23 -5.79 -6.64
C ILE B 208 -14.10 -4.57 -6.30
N ASN B 209 -13.73 -3.83 -5.27
CA ASN B 209 -14.50 -2.64 -4.85
C ASN B 209 -13.61 -1.65 -4.13
N MET B 210 -14.20 -0.64 -3.53
CA MET B 210 -13.46 0.41 -2.86
C MET B 210 -13.84 0.62 -1.40
N THR B 211 -14.75 -0.17 -0.84
CA THR B 211 -15.26 0.13 0.52
C THR B 211 -15.26 -0.98 1.57
N THR B 212 -15.05 -2.24 1.20
CA THR B 212 -15.16 -3.32 2.19
C THR B 212 -14.17 -3.16 3.35
N VAL B 213 -12.92 -2.83 3.03
CA VAL B 213 -11.91 -2.52 4.02
C VAL B 213 -11.89 -1.00 4.15
N PRO B 214 -11.93 -0.42 5.36
CA PRO B 214 -11.79 -1.07 6.65
C PRO B 214 -13.10 -1.36 7.39
N GLU B 215 -14.23 -1.16 6.72
CA GLU B 215 -15.55 -1.37 7.31
C GLU B 215 -15.64 -2.73 8.06
N VAL B 216 -15.32 -3.80 7.34
CA VAL B 216 -15.36 -5.15 7.87
C VAL B 216 -14.46 -5.32 9.10
N VAL B 217 -13.29 -4.67 9.09
CA VAL B 217 -12.33 -4.77 10.18
C VAL B 217 -12.83 -4.07 11.45
N LEU B 218 -13.33 -2.86 11.27
CA LEU B 218 -13.84 -2.05 12.39
C LEU B 218 -15.09 -2.71 13.01
N ALA B 219 -15.94 -3.32 12.18
CA ALA B 219 -17.11 -4.02 12.68
C ALA B 219 -16.71 -5.18 13.61
N LYS B 220 -15.68 -5.94 13.22
CA LYS B 220 -15.17 -7.04 14.03
C LYS B 220 -14.59 -6.52 15.34
N GLU B 221 -13.87 -5.40 15.30
CA GLU B 221 -13.34 -4.79 16.53
C GLU B 221 -14.46 -4.40 17.50
N ALA B 222 -15.58 -3.91 16.96
CA ALA B 222 -16.76 -3.56 17.74
C ALA B 222 -17.62 -4.75 18.16
N GLY B 223 -17.25 -5.97 17.77
CA GLY B 223 -17.99 -7.18 18.12
C GLY B 223 -19.35 -7.29 17.45
N ILE B 224 -19.44 -6.74 16.23
CA ILE B 224 -20.66 -6.74 15.46
C ILE B 224 -20.56 -7.83 14.39
N CYS B 225 -21.67 -8.56 14.22
CA CYS B 225 -21.80 -9.57 13.16
CA CYS B 225 -21.80 -9.58 13.17
C CYS B 225 -21.97 -8.86 11.83
N TYR B 226 -20.95 -8.94 10.97
CA TYR B 226 -20.92 -8.19 9.70
C TYR B 226 -21.01 -9.13 8.52
N ALA B 227 -21.90 -8.80 7.57
CA ALA B 227 -21.92 -9.48 6.29
C ALA B 227 -22.14 -8.49 5.15
N SER B 228 -21.81 -8.95 3.96
CA SER B 228 -21.87 -8.10 2.80
C SER B 228 -22.60 -8.77 1.63
N ILE B 229 -23.47 -7.98 1.00
CA ILE B 229 -24.10 -8.32 -0.27
C ILE B 229 -23.38 -7.54 -1.38
N ALA B 230 -22.67 -8.25 -2.23
CA ALA B 230 -21.90 -7.59 -3.27
C ALA B 230 -22.59 -7.89 -4.56
N MET B 231 -22.86 -6.86 -5.36
CA MET B 231 -23.45 -7.06 -6.68
C MET B 231 -22.48 -6.68 -7.78
N ALA B 232 -22.14 -7.63 -8.63
CA ALA B 232 -21.26 -7.40 -9.75
C ALA B 232 -21.92 -6.49 -10.79
N THR B 233 -21.20 -5.46 -11.22
CA THR B 233 -21.75 -4.48 -12.16
C THR B 233 -21.00 -4.38 -13.48
N ASP B 234 -19.89 -5.12 -13.59
CA ASP B 234 -18.98 -5.02 -14.72
C ASP B 234 -17.93 -6.10 -14.56
N TYR B 235 -17.07 -6.24 -15.57
CA TYR B 235 -15.97 -7.18 -15.56
C TYR B 235 -14.61 -6.45 -15.42
N ASP B 236 -14.59 -5.30 -14.73
CA ASP B 236 -13.38 -4.52 -14.55
C ASP B 236 -12.80 -4.28 -15.95
N CYS B 237 -11.51 -4.57 -16.21
CA CYS B 237 -11.00 -4.40 -17.57
C CYS B 237 -10.13 -5.56 -18.01
N TRP B 238 -10.24 -6.72 -17.36
CA TRP B 238 -9.39 -7.86 -17.68
C TRP B 238 -9.82 -8.63 -18.96
N LYS B 239 -11.06 -8.42 -19.37
CA LYS B 239 -11.68 -9.30 -20.33
C LYS B 239 -11.56 -8.69 -21.71
N GLU B 240 -10.84 -9.39 -22.59
CA GLU B 240 -10.57 -8.93 -23.96
C GLU B 240 -11.80 -8.83 -24.89
N HIS B 241 -12.96 -9.42 -24.49
CA HIS B 241 -14.19 -9.39 -25.32
C HIS B 241 -15.36 -8.52 -24.79
N GLU B 242 -15.08 -7.54 -23.92
CA GLU B 242 -16.19 -6.76 -23.31
C GLU B 242 -15.82 -5.33 -23.00
N GLU B 243 -16.86 -4.52 -22.79
CA GLU B 243 -16.64 -3.08 -22.54
C GLU B 243 -16.14 -2.90 -21.11
N ALA B 244 -15.01 -2.22 -20.99
CA ALA B 244 -14.37 -2.01 -19.73
C ALA B 244 -15.21 -1.12 -18.79
N VAL B 245 -14.91 -1.22 -17.52
CA VAL B 245 -15.65 -0.50 -16.50
C VAL B 245 -15.55 1.03 -16.64
N SER B 246 -16.65 1.71 -16.33
CA SER B 246 -16.70 3.14 -16.15
C SER B 246 -17.86 3.38 -15.20
N VAL B 247 -17.99 4.61 -14.72
CA VAL B 247 -19.08 4.96 -13.83
C VAL B 247 -20.44 4.68 -14.50
N ASP B 248 -20.58 5.02 -15.78
CA ASP B 248 -21.86 4.82 -16.47
C ASP B 248 -22.20 3.36 -16.65
N ARG B 249 -21.21 2.51 -16.90
CA ARG B 249 -21.43 1.06 -16.98
C ARG B 249 -21.91 0.51 -15.64
N VAL B 250 -21.34 1.01 -14.54
CA VAL B 250 -21.75 0.57 -13.22
C VAL B 250 -23.20 0.99 -12.93
N LEU B 251 -23.49 2.26 -13.17
CA LEU B 251 -24.83 2.84 -12.94
C LEU B 251 -25.89 2.14 -13.79
N LYS B 252 -25.58 1.87 -15.04
CA LYS B 252 -26.49 1.15 -15.91
C LYS B 252 -26.84 -0.22 -15.35
N THR B 253 -25.83 -0.99 -14.91
CA THR B 253 -26.08 -2.34 -14.38
C THR B 253 -26.89 -2.29 -13.09
N LEU B 254 -26.60 -1.32 -12.23
CA LEU B 254 -27.37 -1.14 -11.01
C LEU B 254 -28.83 -0.78 -11.30
N LYS B 255 -29.06 0.08 -12.27
CA LYS B 255 -30.42 0.44 -12.68
C LYS B 255 -31.19 -0.79 -13.13
N GLU B 256 -30.56 -1.64 -13.93
CA GLU B 256 -31.18 -2.88 -14.39
C GLU B 256 -31.29 -4.00 -13.34
N ASN B 257 -30.58 -3.91 -12.21
CA ASN B 257 -30.43 -5.04 -11.27
C ASN B 257 -30.54 -4.76 -9.76
N ALA B 258 -30.54 -3.51 -9.33
CA ALA B 258 -30.41 -3.20 -7.87
C ALA B 258 -31.54 -3.73 -7.01
N ASN B 259 -32.73 -3.87 -7.60
CA ASN B 259 -33.89 -4.45 -6.93
C ASN B 259 -33.64 -5.85 -6.36
N LYS B 260 -32.79 -6.65 -7.02
CA LYS B 260 -32.45 -7.97 -6.51
C LYS B 260 -31.82 -7.89 -5.13
N ALA B 261 -30.90 -6.94 -4.95
CA ALA B 261 -30.21 -6.77 -3.67
C ALA B 261 -31.20 -6.29 -2.61
N LYS B 262 -32.08 -5.39 -2.99
CA LYS B 262 -33.12 -4.90 -2.07
C LYS B 262 -34.05 -6.03 -1.60
N SER B 263 -34.51 -6.86 -2.54
CA SER B 263 -35.35 -8.01 -2.19
C SER B 263 -34.63 -8.99 -1.25
N LEU B 264 -33.39 -9.33 -1.57
CA LEU B 264 -32.60 -10.22 -0.72
C LEU B 264 -32.52 -9.67 0.70
N LEU B 265 -32.22 -8.39 0.81
CA LEU B 265 -32.05 -7.76 2.10
C LEU B 265 -33.37 -7.74 2.88
N LEU B 266 -34.47 -7.35 2.21
CA LEU B 266 -35.79 -7.33 2.84
C LEU B 266 -36.25 -8.69 3.33
N THR B 267 -36.04 -9.71 2.52
CA THR B 267 -36.40 -11.08 2.90
C THR B 267 -35.49 -11.67 3.99
N THR B 268 -34.22 -11.25 3.99
CA THR B 268 -33.24 -11.71 4.97
C THR B 268 -33.49 -11.13 6.36
N ILE B 269 -33.87 -9.87 6.44
CA ILE B 269 -34.01 -9.21 7.76
C ILE B 269 -34.88 -9.99 8.78
N PRO B 270 -36.09 -10.43 8.39
CA PRO B 270 -36.90 -11.20 9.35
C PRO B 270 -36.30 -12.56 9.73
N GLN B 271 -35.56 -13.20 8.83
CA GLN B 271 -34.85 -14.45 9.17
C GLN B 271 -33.79 -14.22 10.23
N ILE B 272 -33.08 -13.09 10.14
CA ILE B 272 -32.06 -12.70 11.13
C ILE B 272 -32.76 -12.42 12.48
N GLY B 273 -33.88 -11.71 12.41
CA GLY B 273 -34.69 -11.38 13.60
C GLY B 273 -35.20 -12.60 14.38
N SER B 274 -35.38 -13.73 13.72
CA SER B 274 -35.86 -14.96 14.37
C SER B 274 -34.83 -16.11 14.39
N THR B 275 -33.55 -15.80 14.19
CA THR B 275 -32.46 -16.74 14.44
C THR B 275 -31.94 -16.48 15.85
N GLU B 276 -31.40 -17.51 16.51
CA GLU B 276 -30.75 -17.30 17.81
C GLU B 276 -29.31 -16.82 17.58
N TRP B 277 -28.88 -15.82 18.36
CA TRP B 277 -27.55 -15.20 18.19
C TRP B 277 -26.66 -15.13 19.43
N SER B 278 -27.16 -15.47 20.62
CA SER B 278 -26.43 -15.14 21.85
C SER B 278 -25.02 -15.78 21.96
N GLU B 279 -24.87 -17.01 21.45
CA GLU B 279 -23.56 -17.67 21.40
C GLU B 279 -22.61 -17.00 20.39
N THR B 280 -23.12 -16.78 19.17
CA THR B 280 -22.39 -16.05 18.13
C THR B 280 -21.91 -14.68 18.62
N LEU B 281 -22.81 -13.91 19.22
CA LEU B 281 -22.47 -12.59 19.73
C LEU B 281 -21.52 -12.64 20.91
N HIS B 282 -21.67 -13.66 21.76
CA HIS B 282 -20.78 -13.85 22.91
C HIS B 282 -19.35 -14.16 22.46
N ASN B 283 -19.20 -15.05 21.49
CA ASN B 283 -17.90 -15.36 20.91
C ASN B 283 -17.25 -14.15 20.22
N LEU B 284 -18.02 -13.39 19.44
CA LEU B 284 -17.53 -12.14 18.86
C LEU B 284 -17.08 -11.15 19.93
N LYS B 285 -17.87 -11.03 20.98
CA LYS B 285 -17.51 -10.14 22.09
C LYS B 285 -16.19 -10.56 22.76
N ASN B 286 -16.05 -11.85 23.00
CA ASN B 286 -14.82 -12.40 23.60
C ASN B 286 -13.61 -12.16 22.69
N MET B 287 -13.76 -12.49 21.41
CA MET B 287 -12.71 -12.25 20.42
C MET B 287 -12.26 -10.79 20.44
N ALA B 288 -13.22 -9.87 20.40
CA ALA B 288 -12.91 -8.43 20.42
C ALA B 288 -12.19 -8.06 21.72
N GLN B 289 -12.79 -8.42 22.84
CA GLN B 289 -12.23 -8.13 24.18
C GLN B 289 -10.80 -8.65 24.36
N PHE B 290 -10.54 -9.92 24.02
CA PHE B 290 -9.22 -10.52 24.24
C PHE B 290 -8.16 -10.22 23.15
N SER B 291 -8.53 -9.40 22.16
CA SER B 291 -7.60 -8.90 21.15
CA SER B 291 -7.60 -8.90 21.15
C SER B 291 -6.91 -7.62 21.61
N VAL B 292 -7.37 -7.05 22.74
CA VAL B 292 -6.87 -5.79 23.24
C VAL B 292 -5.74 -6.03 24.26
N LEU B 293 -4.57 -5.45 24.01
CA LEU B 293 -3.45 -5.46 24.95
C LEU B 293 -3.44 -4.17 25.77
N LEU B 294 -3.22 -4.30 27.08
CA LEU B 294 -3.15 -3.16 27.99
C LEU B 294 -1.84 -3.19 28.79
N PRO B 295 -1.37 -2.01 29.28
CA PRO B 295 -0.10 -1.85 30.04
C PRO B 295 0.23 -2.92 31.10
N ALA C 23 35.72 -0.67 17.34
CA ALA C 23 34.95 -0.74 18.62
C ALA C 23 33.48 -1.07 18.36
N VAL C 24 33.10 -2.35 18.46
CA VAL C 24 31.70 -2.71 18.20
C VAL C 24 30.79 -2.23 19.35
N LYS C 25 29.59 -1.77 18.99
CA LYS C 25 28.56 -1.48 19.97
C LYS C 25 27.21 -1.95 19.41
N ILE C 26 26.54 -2.81 20.15
CA ILE C 26 25.34 -3.52 19.65
C ILE C 26 24.04 -2.96 20.21
N GLY C 27 23.26 -2.32 19.34
CA GLY C 27 21.86 -2.00 19.66
C GLY C 27 21.03 -3.26 19.69
N ILE C 28 20.14 -3.37 20.68
CA ILE C 28 19.28 -4.55 20.83
C ILE C 28 17.86 -4.05 20.98
N ILE C 29 16.98 -4.51 20.08
CA ILE C 29 15.59 -4.08 20.06
C ILE C 29 14.70 -5.31 20.26
N GLY C 30 13.75 -5.17 21.18
CA GLY C 30 12.79 -6.21 21.50
C GLY C 30 13.37 -7.48 22.11
N GLY C 31 14.59 -7.40 22.63
CA GLY C 31 15.37 -8.58 23.00
C GLY C 31 15.06 -9.17 24.36
N THR C 32 13.75 -9.32 24.67
CA THR C 32 13.26 -9.96 25.89
C THR C 32 13.70 -9.16 27.15
N GLY C 33 14.11 -9.87 28.21
CA GLY C 33 14.70 -9.25 29.39
C GLY C 33 16.18 -9.52 29.44
N LEU C 34 16.93 -8.77 28.63
CA LEU C 34 18.38 -8.66 28.80
C LEU C 34 18.73 -7.57 29.81
N ASP C 35 17.77 -6.70 30.12
CA ASP C 35 17.93 -5.73 31.20
C ASP C 35 17.79 -6.44 32.54
N ASP C 36 18.90 -7.06 32.94
CA ASP C 36 19.00 -7.85 34.14
C ASP C 36 20.39 -7.58 34.72
N PRO C 37 20.50 -7.26 36.02
CA PRO C 37 21.83 -7.08 36.63
C PRO C 37 22.77 -8.30 36.58
N GLU C 38 22.22 -9.52 36.54
CA GLU C 38 23.04 -10.73 36.32
C GLU C 38 23.66 -10.80 34.91
N ILE C 39 23.08 -10.10 33.94
CA ILE C 39 23.51 -10.10 32.53
C ILE C 39 24.21 -8.79 32.12
N LEU C 40 23.59 -7.65 32.43
CA LEU C 40 24.03 -6.34 31.95
C LEU C 40 24.83 -5.63 33.03
N GLU C 41 26.09 -5.29 32.73
CA GLU C 41 26.99 -4.71 33.75
C GLU C 41 26.91 -3.22 34.07
N GLY C 42 27.45 -2.27 33.31
CA GLY C 42 27.55 -0.91 33.78
C GLY C 42 26.24 -0.18 33.58
N ARG C 43 25.15 -0.69 34.15
CA ARG C 43 23.81 -0.29 33.72
C ARG C 43 23.56 1.20 33.89
N THR C 44 23.18 1.85 32.80
CA THR C 44 22.92 3.28 32.73
C THR C 44 21.66 3.49 31.91
N GLU C 45 20.60 3.97 32.55
CA GLU C 45 19.35 4.28 31.88
C GLU C 45 19.47 5.71 31.33
N LYS C 46 18.79 5.98 30.22
CA LYS C 46 19.03 7.23 29.46
C LYS C 46 17.87 7.58 28.51
N TYR C 47 17.25 8.73 28.75
CA TYR C 47 16.14 9.24 27.95
C TYR C 47 16.70 10.27 26.98
N VAL C 48 16.53 10.05 25.67
CA VAL C 48 17.13 10.93 24.64
C VAL C 48 16.07 11.52 23.75
N ASP C 49 16.42 12.57 23.03
CA ASP C 49 15.55 13.21 22.05
C ASP C 49 16.32 13.20 20.74
N THR C 50 15.59 13.18 19.62
CA THR C 50 16.19 13.17 18.30
C THR C 50 15.48 14.21 17.45
N PRO C 51 16.04 14.55 16.29
CA PRO C 51 15.29 15.39 15.33
C PRO C 51 13.96 14.80 14.89
N PHE C 52 13.74 13.50 15.11
CA PHE C 52 12.50 12.82 14.72
C PHE C 52 11.54 12.55 15.88
N GLY C 53 11.81 13.15 17.03
CA GLY C 53 10.98 12.94 18.21
C GLY C 53 11.60 11.95 19.17
N LYS C 54 10.80 11.50 20.13
CA LYS C 54 11.28 10.67 21.24
C LYS C 54 11.30 9.20 20.81
N PRO C 55 12.35 8.46 21.22
CA PRO C 55 12.31 7.02 21.05
C PRO C 55 11.20 6.36 21.84
N SER C 56 10.97 5.08 21.55
CA SER C 56 9.93 4.30 22.18
C SER C 56 10.08 4.16 23.67
N ASP C 57 11.32 4.09 24.12
CA ASP C 57 11.64 3.86 25.52
C ASP C 57 12.97 4.55 25.79
N ALA C 58 13.41 4.53 27.04
CA ALA C 58 14.76 4.96 27.36
C ALA C 58 15.75 3.95 26.81
N LEU C 59 16.94 4.44 26.44
CA LEU C 59 18.06 3.57 26.08
C LEU C 59 18.68 3.07 27.38
N ILE C 60 18.93 1.77 27.46
CA ILE C 60 19.66 1.17 28.58
C ILE C 60 21.07 0.80 28.09
N LEU C 61 22.08 1.52 28.57
CA LEU C 61 23.49 1.24 28.21
C LEU C 61 24.14 0.30 29.21
N GLY C 62 25.18 -0.39 28.77
CA GLY C 62 25.88 -1.37 29.60
C GLY C 62 26.66 -2.37 28.78
N LYS C 63 27.30 -3.33 29.45
CA LYS C 63 28.10 -4.35 28.79
C LYS C 63 27.51 -5.71 29.07
N ILE C 64 27.48 -6.55 28.04
CA ILE C 64 26.97 -7.90 28.13
C ILE C 64 28.10 -8.75 27.57
N LYS C 65 28.58 -9.67 28.41
CA LYS C 65 29.87 -10.30 28.26
C LYS C 65 30.81 -9.11 28.17
N ASN C 66 31.68 -9.05 27.22
CA ASN C 66 32.59 -7.86 27.31
C ASN C 66 32.21 -6.76 26.34
N VAL C 67 30.95 -6.72 25.89
CA VAL C 67 30.61 -6.00 24.66
C VAL C 67 29.63 -4.89 25.01
N ASP C 68 29.94 -3.68 24.57
CA ASP C 68 29.07 -2.53 24.77
C ASP C 68 27.75 -2.75 24.04
N CYS C 69 26.63 -2.58 24.75
CA CYS C 69 25.29 -2.80 24.22
C CYS C 69 24.38 -1.64 24.58
N VAL C 70 23.35 -1.43 23.76
CA VAL C 70 22.33 -0.41 23.99
C VAL C 70 20.98 -1.10 23.81
N LEU C 71 20.20 -1.19 24.88
CA LEU C 71 18.92 -1.88 24.85
C LEU C 71 17.82 -0.87 24.63
N LEU C 72 16.83 -1.24 23.83
CA LEU C 72 15.70 -0.38 23.50
C LEU C 72 14.45 -1.19 23.27
N THR C 80 1.26 -1.35 23.96
CA THR C 80 0.86 0.02 24.35
C THR C 80 0.71 0.96 23.13
N ILE C 81 1.59 0.79 22.14
CA ILE C 81 1.56 1.55 20.85
C ILE C 81 1.41 0.57 19.68
N MET C 82 0.49 0.84 18.75
CA MET C 82 0.37 0.02 17.55
C MET C 82 1.66 0.12 16.68
N PRO C 83 2.04 -1.00 16.02
CA PRO C 83 3.27 -1.00 15.21
C PRO C 83 3.34 0.13 14.19
N SER C 84 2.19 0.55 13.67
CA SER C 84 2.06 1.72 12.79
C SER C 84 2.58 3.02 13.38
N LYS C 85 2.53 3.16 14.70
CA LYS C 85 2.82 4.44 15.37
C LYS C 85 4.17 4.47 16.07
N VAL C 86 4.91 3.37 16.06
CA VAL C 86 6.21 3.31 16.71
C VAL C 86 7.13 4.29 15.97
N ASN C 87 7.93 5.05 16.73
CA ASN C 87 8.81 6.05 16.13
C ASN C 87 10.13 5.38 15.74
N TYR C 88 10.07 4.63 14.64
CA TYR C 88 11.22 3.87 14.17
C TYR C 88 12.38 4.82 13.81
N GLN C 89 12.08 5.96 13.22
CA GLN C 89 13.10 6.93 12.88
C GLN C 89 13.86 7.39 14.13
N ALA C 90 13.13 7.78 15.17
CA ALA C 90 13.76 8.19 16.42
C ALA C 90 14.56 7.06 17.06
N ASN C 91 14.02 5.84 17.04
CA ASN C 91 14.71 4.68 17.63
C ASN C 91 16.06 4.43 16.95
N ILE C 92 16.05 4.35 15.62
CA ILE C 92 17.29 4.07 14.89
C ILE C 92 18.25 5.25 14.96
N TRP C 93 17.75 6.47 14.84
CA TRP C 93 18.59 7.67 14.99
C TRP C 93 19.28 7.68 16.34
N ALA C 94 18.54 7.40 17.41
CA ALA C 94 19.12 7.33 18.76
C ALA C 94 20.24 6.31 18.86
N LEU C 95 20.01 5.11 18.35
CA LEU C 95 21.03 4.07 18.40
C LEU C 95 22.27 4.46 17.61
N LYS C 96 22.09 5.06 16.44
CA LYS C 96 23.18 5.56 15.63
C LYS C 96 23.98 6.63 16.37
N GLU C 97 23.27 7.55 17.03
CA GLU C 97 23.90 8.68 17.72
C GLU C 97 24.68 8.21 18.94
N GLU C 98 24.25 7.09 19.52
CA GLU C 98 24.96 6.45 20.62
C GLU C 98 26.19 5.63 20.19
N GLY C 99 26.49 5.55 18.89
CA GLY C 99 27.67 4.84 18.38
C GLY C 99 27.46 3.39 17.99
N CYS C 100 26.20 2.94 17.90
CA CYS C 100 25.95 1.55 17.53
C CYS C 100 26.47 1.25 16.13
N THR C 101 27.22 0.18 16.01
CA THR C 101 27.68 -0.36 14.73
C THR C 101 26.79 -1.48 14.22
N HIS C 102 26.12 -2.16 15.16
CA HIS C 102 25.26 -3.29 14.90
C HIS C 102 23.93 -3.06 15.60
N VAL C 103 22.88 -3.63 15.03
CA VAL C 103 21.58 -3.73 15.67
C VAL C 103 21.10 -5.16 15.44
N ILE C 104 20.73 -5.84 16.51
CA ILE C 104 20.08 -7.14 16.43
C ILE C 104 18.69 -6.98 17.06
N VAL C 105 17.67 -7.28 16.28
CA VAL C 105 16.28 -7.19 16.73
C VAL C 105 15.73 -8.57 16.90
N THR C 106 14.82 -8.74 17.86
CA THR C 106 14.08 -9.98 18.01
C THR C 106 12.62 -9.63 17.78
N THR C 107 11.93 -10.48 17.05
CA THR C 107 10.55 -10.25 16.69
C THR C 107 9.79 -11.57 16.76
N ALA C 108 8.56 -11.52 17.26
CA ALA C 108 7.61 -12.61 17.04
C ALA C 108 7.10 -12.49 15.62
N CYS C 109 6.57 -13.60 15.10
CA CYS C 109 6.03 -13.62 13.74
C CYS C 109 5.11 -14.80 13.55
N GLY C 110 4.25 -14.71 12.55
CA GLY C 110 3.42 -15.85 12.14
C GLY C 110 4.21 -16.67 11.13
N SER C 111 3.99 -17.97 11.11
CA SER C 111 4.61 -18.85 10.12
C SER C 111 3.65 -19.04 8.97
N LEU C 112 4.18 -18.88 7.75
CA LEU C 112 3.43 -19.14 6.53
C LEU C 112 3.87 -20.42 5.85
N ARG C 113 4.64 -21.26 6.57
CA ARG C 113 5.16 -22.54 6.01
C ARG C 113 5.03 -23.63 7.06
N GLU C 114 4.57 -24.80 6.65
CA GLU C 114 4.35 -25.92 7.58
C GLU C 114 5.62 -26.23 8.37
N GLU C 115 6.75 -26.23 7.65
CA GLU C 115 8.04 -26.56 8.24
C GLU C 115 8.58 -25.58 9.25
N ILE C 116 8.09 -24.35 9.26
CA ILE C 116 8.45 -23.37 10.31
C ILE C 116 7.41 -23.50 11.39
N GLN C 117 7.74 -24.24 12.44
CA GLN C 117 6.78 -24.52 13.51
C GLN C 117 6.85 -23.47 14.57
N PRO C 118 5.74 -23.25 15.29
CA PRO C 118 5.77 -22.30 16.42
C PRO C 118 6.88 -22.66 17.40
N GLY C 119 7.63 -21.66 17.82
CA GLY C 119 8.85 -21.85 18.56
C GLY C 119 10.13 -21.87 17.78
N ASP C 120 10.06 -22.16 16.48
CA ASP C 120 11.25 -22.09 15.61
C ASP C 120 11.72 -20.66 15.46
N ILE C 121 13.05 -20.55 15.31
CA ILE C 121 13.70 -19.30 15.00
C ILE C 121 13.95 -19.28 13.49
N VAL C 122 13.78 -18.10 12.90
CA VAL C 122 14.08 -17.87 11.49
C VAL C 122 15.04 -16.70 11.44
N ILE C 123 16.21 -16.93 10.86
CA ILE C 123 17.16 -15.87 10.63
C ILE C 123 16.86 -15.30 9.25
N ILE C 124 15.93 -14.35 9.22
CA ILE C 124 15.42 -13.81 7.95
C ILE C 124 16.49 -13.11 7.11
N ASP C 125 16.37 -13.26 5.80
CA ASP C 125 17.30 -12.62 4.86
C ASP C 125 16.63 -11.70 3.82
N GLN C 126 15.31 -11.69 3.76
CA GLN C 126 14.59 -10.79 2.85
C GLN C 126 13.30 -10.31 3.52
N PHE C 127 12.70 -9.27 2.92
CA PHE C 127 11.38 -8.83 3.34
C PHE C 127 10.54 -8.47 2.13
N ILE C 128 9.22 -8.47 2.35
CA ILE C 128 8.25 -7.91 1.44
C ILE C 128 7.48 -6.87 2.24
N ASP C 129 7.47 -5.64 1.74
CA ASP C 129 6.75 -4.54 2.42
C ASP C 129 5.26 -4.52 2.06
N ARG C 130 4.40 -4.71 3.07
CA ARG C 130 2.96 -4.48 2.96
C ARG C 130 2.52 -3.37 3.92
N THR C 131 3.45 -2.53 4.39
CA THR C 131 3.08 -1.36 5.20
C THR C 131 2.63 -0.22 4.25
N THR C 132 1.89 0.72 4.81
CA THR C 132 1.35 1.85 4.05
C THR C 132 1.60 3.23 4.72
N MET C 133 1.64 3.29 6.03
CA MET C 133 1.65 4.60 6.70
C MET C 133 3.04 5.09 7.17
N ARG C 134 4.11 4.43 6.76
CA ARG C 134 5.34 4.53 7.54
C ARG C 134 6.42 5.30 6.82
N PRO C 135 6.98 6.33 7.48
CA PRO C 135 8.20 6.95 6.95
C PRO C 135 9.33 5.92 6.92
N GLN C 136 10.03 5.85 5.79
CA GLN C 136 11.05 4.85 5.58
C GLN C 136 12.43 5.45 5.34
N SER C 137 12.59 6.73 5.63
CA SER C 137 13.83 7.45 5.33
C SER C 137 14.02 8.55 6.36
N PHE C 138 15.28 8.82 6.69
CA PHE C 138 15.65 9.99 7.47
C PHE C 138 15.67 11.24 6.59
N TYR C 139 15.89 11.06 5.29
CA TYR C 139 16.15 12.17 4.37
C TYR C 139 14.85 12.61 3.72
N ASP C 140 14.00 13.26 4.53
CA ASP C 140 12.62 13.62 4.17
C ASP C 140 12.43 15.06 3.74
N GLY C 141 13.51 15.81 3.52
CA GLY C 141 13.45 17.24 3.18
C GLY C 141 13.13 18.25 4.29
N SER C 142 12.93 17.77 5.53
CA SER C 142 12.56 18.63 6.68
C SER C 142 13.52 18.51 7.87
N HIS C 143 14.66 17.86 7.69
CA HIS C 143 15.62 17.66 8.76
C HIS C 143 16.98 17.86 8.12
N SER C 144 17.65 18.95 8.45
CA SER C 144 18.96 19.23 7.86
C SER C 144 20.18 18.61 8.59
N CYS C 145 19.94 17.67 9.51
CA CYS C 145 20.94 16.63 9.83
C CYS C 145 20.92 15.52 8.77
N ALA C 146 19.87 15.51 7.95
CA ALA C 146 19.68 14.54 6.87
C ALA C 146 19.14 15.28 5.65
N ARG C 147 20.01 16.11 5.04
CA ARG C 147 19.67 16.85 3.83
C ARG C 147 19.87 15.98 2.60
N GLY C 148 19.06 16.21 1.58
CA GLY C 148 19.14 15.52 0.28
C GLY C 148 18.09 14.44 0.20
N VAL C 149 18.21 13.56 -0.81
CA VAL C 149 17.29 12.43 -1.00
C VAL C 149 18.14 11.17 -0.99
N CYS C 150 17.69 10.16 -0.26
CA CYS C 150 18.44 8.94 -0.11
C CYS C 150 17.68 7.77 -0.75
N HIS C 151 18.35 7.08 -1.68
CA HIS C 151 17.82 5.87 -2.30
C HIS C 151 18.69 4.68 -1.92
N ILE C 152 18.38 4.10 -0.76
CA ILE C 152 19.21 3.06 -0.19
C ILE C 152 18.99 1.73 -0.92
N PRO C 153 20.07 1.00 -1.29
CA PRO C 153 19.85 -0.34 -1.86
C PRO C 153 19.33 -1.32 -0.79
N MET C 154 18.47 -2.24 -1.19
CA MET C 154 17.86 -3.22 -0.32
C MET C 154 17.99 -4.64 -0.87
N ALA C 155 18.91 -4.85 -1.82
CA ALA C 155 19.11 -6.20 -2.39
C ALA C 155 19.42 -7.21 -1.27
N GLU C 156 20.20 -6.78 -0.29
CA GLU C 156 20.61 -7.60 0.85
C GLU C 156 20.33 -6.80 2.12
N PRO C 157 19.08 -6.82 2.59
CA PRO C 157 18.77 -5.89 3.68
C PRO C 157 19.38 -6.28 5.04
N PHE C 158 19.71 -7.55 5.24
CA PHE C 158 20.22 -8.02 6.53
C PHE C 158 21.71 -8.36 6.43
N CYS C 159 22.47 -7.94 7.44
CA CYS C 159 23.92 -8.09 7.46
CA CYS C 159 23.92 -8.09 7.47
C CYS C 159 24.32 -9.57 7.36
N PRO C 160 24.98 -9.99 6.25
CA PRO C 160 25.32 -11.44 6.09
C PRO C 160 26.21 -12.04 7.18
N LYS C 161 27.21 -11.30 7.65
CA LYS C 161 28.15 -11.83 8.64
C LYS C 161 27.46 -12.04 9.97
N THR C 162 26.66 -11.05 10.40
CA THR C 162 25.88 -11.22 11.62
C THR C 162 24.95 -12.41 11.49
N ARG C 163 24.26 -12.53 10.36
CA ARG C 163 23.38 -13.69 10.16
C ARG C 163 24.13 -15.02 10.25
N GLU C 164 25.34 -15.06 9.71
CA GLU C 164 26.14 -16.31 9.74
C GLU C 164 26.47 -16.71 11.19
N VAL C 165 26.79 -15.70 12.02
CA VAL C 165 27.09 -15.94 13.43
C VAL C 165 25.84 -16.43 14.14
N LEU C 166 24.69 -15.81 13.88
CA LEU C 166 23.41 -16.26 14.46
C LEU C 166 23.11 -17.70 14.10
N ILE C 167 23.29 -18.03 12.83
CA ILE C 167 23.01 -19.39 12.36
C ILE C 167 23.93 -20.41 13.05
N GLU C 168 25.22 -20.10 13.06
CA GLU C 168 26.20 -21.01 13.65
C GLU C 168 25.97 -21.17 15.18
N THR C 169 25.68 -20.07 15.85
CA THR C 169 25.41 -20.10 17.27
C THR C 169 24.14 -20.89 17.61
N ALA C 170 23.09 -20.74 16.81
CA ALA C 170 21.88 -21.53 16.98
C ALA C 170 22.13 -23.02 16.84
N LYS C 171 22.98 -23.41 15.90
CA LYS C 171 23.34 -24.83 15.72
C LYS C 171 24.06 -25.35 16.97
N LYS C 172 25.02 -24.59 17.49
CA LYS C 172 25.76 -24.93 18.72
C LYS C 172 24.86 -25.07 19.93
N LEU C 173 23.88 -24.17 20.04
CA LEU C 173 22.89 -24.24 21.12
C LEU C 173 21.83 -25.32 20.92
N GLY C 174 21.84 -26.03 19.81
CA GLY C 174 20.84 -27.08 19.57
C GLY C 174 19.44 -26.56 19.25
N LEU C 175 19.31 -25.30 18.83
CA LEU C 175 18.00 -24.67 18.59
C LEU C 175 17.43 -25.00 17.23
N ARG C 176 16.09 -25.15 17.16
CA ARG C 176 15.41 -25.28 15.88
C ARG C 176 15.48 -23.93 15.18
N CYS C 177 16.14 -23.90 14.04
CA CYS C 177 16.49 -22.64 13.39
C CYS C 177 16.48 -22.78 11.89
N HIS C 178 15.89 -21.81 11.21
CA HIS C 178 15.91 -21.76 9.76
C HIS C 178 16.86 -20.69 9.33
N SER C 179 17.75 -21.07 8.40
CA SER C 179 18.87 -20.24 7.97
C SER C 179 18.49 -19.12 7.01
N LYS C 180 17.27 -19.15 6.47
CA LYS C 180 16.80 -18.02 5.64
C LYS C 180 15.29 -17.92 5.71
N GLY C 181 14.78 -16.82 5.16
CA GLY C 181 13.34 -16.63 5.13
C GLY C 181 12.96 -15.20 4.82
N THR C 182 11.80 -15.07 4.16
CA THR C 182 11.28 -13.81 3.74
C THR C 182 10.17 -13.42 4.69
N MET C 183 10.34 -12.28 5.34
CA MET C 183 9.34 -11.66 6.19
C MET C 183 8.44 -10.71 5.39
N VAL C 184 7.14 -10.97 5.39
CA VAL C 184 6.17 -9.96 4.94
C VAL C 184 5.76 -9.12 6.17
N THR C 185 5.92 -7.81 6.08
CA THR C 185 5.50 -6.91 7.17
C THR C 185 4.21 -6.21 6.78
N ILE C 186 3.16 -6.45 7.56
CA ILE C 186 1.85 -5.89 7.28
C ILE C 186 1.69 -4.63 8.16
N GLU C 187 0.76 -3.78 7.80
CA GLU C 187 0.58 -2.50 8.48
C GLU C 187 0.05 -2.74 9.88
N GLY C 188 -0.95 -3.59 9.97
CA GLY C 188 -1.64 -3.88 11.22
C GLY C 188 -2.49 -2.70 11.63
N PRO C 189 -3.00 -2.69 12.84
CA PRO C 189 -2.76 -3.67 13.89
C PRO C 189 -3.52 -4.99 13.76
N ARG C 190 -4.52 -5.03 12.88
CA ARG C 190 -5.25 -6.26 12.59
C ARG C 190 -4.32 -7.32 12.07
N PHE C 191 -4.68 -8.57 12.33
CA PHE C 191 -4.08 -9.70 11.65
C PHE C 191 -4.63 -9.80 10.24
N SER C 192 -3.99 -10.64 9.44
CA SER C 192 -4.38 -10.85 8.05
C SER C 192 -5.64 -11.68 7.90
N SER C 193 -6.34 -11.45 6.80
CA SER C 193 -7.42 -12.35 6.38
C SER C 193 -6.82 -13.63 5.84
N ARG C 194 -7.64 -14.66 5.72
CA ARG C 194 -7.17 -15.93 5.15
C ARG C 194 -6.79 -15.75 3.68
N ALA C 195 -7.54 -14.98 2.90
CA ALA C 195 -7.16 -14.72 1.51
C ALA C 195 -5.82 -13.99 1.43
N GLU C 196 -5.57 -13.07 2.36
CA GLU C 196 -4.27 -12.41 2.42
C GLU C 196 -3.15 -13.41 2.75
N SER C 197 -3.39 -14.28 3.73
CA SER C 197 -2.42 -15.26 4.15
C SER C 197 -2.03 -16.20 2.99
N PHE C 198 -3.03 -16.69 2.26
CA PHE C 198 -2.77 -17.51 1.07
C PHE C 198 -1.98 -16.77 -0.01
N MET C 199 -2.34 -15.50 -0.22
CA MET C 199 -1.67 -14.68 -1.22
C MET C 199 -0.19 -14.46 -0.87
N PHE C 200 0.08 -14.20 0.42
CA PHE C 200 1.46 -14.02 0.88
C PHE C 200 2.31 -15.28 0.65
N ARG C 201 1.74 -16.44 0.89
CA ARG C 201 2.39 -17.71 0.51
C ARG C 201 2.74 -17.78 -0.96
N THR C 202 1.82 -17.42 -1.85
CA THR C 202 2.14 -17.39 -3.28
C THR C 202 3.20 -16.37 -3.66
N TRP C 203 3.32 -15.28 -2.91
CA TRP C 203 4.38 -14.30 -3.13
C TRP C 203 5.76 -14.74 -2.69
N GLY C 204 5.86 -15.84 -1.93
CA GLY C 204 7.14 -16.33 -1.43
C GLY C 204 7.48 -15.92 0.00
N ALA C 205 6.51 -15.38 0.75
CA ALA C 205 6.77 -14.96 2.12
C ALA C 205 6.74 -16.23 2.97
N ASP C 206 7.63 -16.29 3.94
CA ASP C 206 7.77 -17.43 4.85
C ASP C 206 7.25 -17.14 6.24
N VAL C 207 7.37 -15.89 6.69
CA VAL C 207 6.91 -15.47 8.00
C VAL C 207 6.30 -14.07 7.87
N ILE C 208 5.52 -13.69 8.86
CA ILE C 208 4.76 -12.45 8.80
C ILE C 208 4.79 -11.69 10.13
N ASN C 209 4.96 -10.39 10.06
CA ASN C 209 5.01 -9.55 11.26
C ASN C 209 4.55 -8.14 10.97
N MET C 210 4.73 -7.25 11.93
CA MET C 210 4.29 -5.87 11.79
C MET C 210 5.39 -4.83 11.97
N THR C 211 6.65 -5.24 12.20
CA THR C 211 7.70 -4.26 12.55
C THR C 211 9.01 -4.27 11.76
N THR C 212 9.29 -5.28 10.93
CA THR C 212 10.59 -5.33 10.25
C THR C 212 10.83 -4.11 9.36
N VAL C 213 9.83 -3.73 8.57
CA VAL C 213 9.87 -2.51 7.78
C VAL C 213 9.15 -1.46 8.61
N PRO C 214 9.71 -0.26 8.82
CA PRO C 214 10.89 0.28 8.14
C PRO C 214 12.21 0.19 8.92
N GLU C 215 12.20 -0.51 10.03
CA GLU C 215 13.37 -0.66 10.89
C GLU C 215 14.64 -1.04 10.09
N VAL C 216 14.53 -2.13 9.32
CA VAL C 216 15.62 -2.63 8.51
C VAL C 216 16.12 -1.59 7.52
N VAL C 217 15.20 -0.82 6.94
CA VAL C 217 15.53 0.19 5.94
C VAL C 217 16.31 1.36 6.54
N LEU C 218 15.80 1.88 7.67
CA LEU C 218 16.42 3.01 8.35
C LEU C 218 17.81 2.63 8.90
N ALA C 219 17.96 1.40 9.37
CA ALA C 219 19.26 0.93 9.86
C ALA C 219 20.30 0.95 8.73
N LYS C 220 19.91 0.52 7.54
CA LYS C 220 20.79 0.55 6.38
C LYS C 220 21.15 1.98 6.00
N GLU C 221 20.18 2.89 6.05
CA GLU C 221 20.46 4.31 5.78
C GLU C 221 21.50 4.90 6.75
N ALA C 222 21.42 4.47 8.00
CA ALA C 222 22.36 4.89 9.04
C ALA C 222 23.71 4.15 9.01
N GLY C 223 23.89 3.21 8.07
CA GLY C 223 25.12 2.45 7.93
C GLY C 223 25.38 1.46 9.05
N ILE C 224 24.31 0.94 9.62
CA ILE C 224 24.37 0.00 10.74
C ILE C 224 24.15 -1.41 10.19
N CYS C 225 24.95 -2.35 10.70
CA CYS C 225 24.80 -3.77 10.41
CA CYS C 225 24.83 -3.76 10.41
C CYS C 225 23.59 -4.30 11.14
N TYR C 226 22.52 -4.65 10.40
CA TYR C 226 21.23 -5.05 11.00
C TYR C 226 20.94 -6.51 10.75
N ALA C 227 20.56 -7.24 11.79
CA ALA C 227 20.03 -8.58 11.65
C ALA C 227 18.84 -8.81 12.55
N SER C 228 18.07 -9.82 12.22
CA SER C 228 16.85 -10.11 12.92
C SER C 228 16.73 -11.57 13.33
N ILE C 229 16.33 -11.77 14.57
CA ILE C 229 15.93 -13.06 15.12
C ILE C 229 14.40 -13.10 15.15
N ALA C 230 13.80 -13.93 14.32
CA ALA C 230 12.34 -13.99 14.25
C ALA C 230 11.94 -15.29 14.87
N MET C 231 10.99 -15.24 15.81
CA MET C 231 10.46 -16.46 16.40
C MET C 231 9.01 -16.65 16.03
N ALA C 232 8.71 -17.76 15.35
CA ALA C 232 7.35 -18.10 14.98
C ALA C 232 6.48 -18.38 16.23
N THR C 233 5.30 -17.78 16.30
CA THR C 233 4.40 -17.94 17.43
C THR C 233 3.05 -18.57 17.07
N ASP C 234 2.82 -18.80 15.78
CA ASP C 234 1.54 -19.25 15.29
C ASP C 234 1.67 -19.54 13.80
N TYR C 235 0.62 -20.07 13.21
CA TYR C 235 0.57 -20.35 11.78
C TYR C 235 -0.37 -19.36 11.04
N ASP C 236 -0.49 -18.14 11.55
CA ASP C 236 -1.37 -17.14 10.94
C ASP C 236 -2.75 -17.77 10.80
N CYS C 237 -3.39 -17.73 9.63
CA CYS C 237 -4.68 -18.40 9.48
C CYS C 237 -4.82 -19.16 8.18
N TRP C 238 -3.70 -19.53 7.57
CA TRP C 238 -3.76 -20.21 6.23
C TRP C 238 -4.12 -21.69 6.28
N LYS C 239 -4.08 -22.30 7.45
CA LYS C 239 -4.70 -23.63 7.61
C LYS C 239 -6.18 -23.48 7.92
N GLU C 240 -7.04 -23.89 6.98
CA GLU C 240 -8.50 -23.99 7.23
C GLU C 240 -8.90 -25.08 8.28
N HIS C 241 -7.97 -25.96 8.66
CA HIS C 241 -8.18 -27.04 9.65
C HIS C 241 -7.43 -26.88 11.00
N GLU C 242 -7.08 -25.65 11.38
CA GLU C 242 -6.37 -25.39 12.65
C GLU C 242 -6.76 -24.05 13.28
N GLU C 243 -6.34 -23.83 14.52
CA GLU C 243 -6.72 -22.61 15.24
C GLU C 243 -5.95 -21.41 14.67
N ALA C 244 -6.69 -20.40 14.24
CA ALA C 244 -6.06 -19.20 13.71
C ALA C 244 -5.36 -18.41 14.82
N VAL C 245 -4.47 -17.54 14.41
CA VAL C 245 -3.77 -16.64 15.30
C VAL C 245 -4.72 -15.72 16.08
N SER C 246 -4.34 -15.45 17.32
CA SER C 246 -4.94 -14.42 18.14
C SER C 246 -3.85 -13.95 19.06
N VAL C 247 -4.10 -12.86 19.78
CA VAL C 247 -3.15 -12.36 20.75
C VAL C 247 -2.79 -13.43 21.79
N ASP C 248 -3.78 -14.15 22.28
CA ASP C 248 -3.55 -15.16 23.33
C ASP C 248 -2.72 -16.32 22.84
N ARG C 249 -2.94 -16.74 21.59
CA ARG C 249 -2.11 -17.80 20.98
C ARG C 249 -0.65 -17.35 20.88
N VAL C 250 -0.43 -16.09 20.52
CA VAL C 250 0.93 -15.56 20.40
C VAL C 250 1.60 -15.53 21.78
N LEU C 251 0.91 -14.97 22.76
CA LEU C 251 1.42 -14.86 24.12
C LEU C 251 1.73 -16.23 24.73
N LYS C 252 0.86 -17.20 24.52
CA LYS C 252 1.09 -18.56 25.00
C LYS C 252 2.39 -19.14 24.41
N THR C 253 2.59 -18.99 23.10
CA THR C 253 3.79 -19.55 22.46
C THR C 253 5.06 -18.85 22.94
N LEU C 254 4.99 -17.54 23.13
CA LEU C 254 6.13 -16.80 23.66
C LEU C 254 6.49 -17.23 25.09
N LYS C 255 5.46 -17.46 25.91
CA LYS C 255 5.67 -17.95 27.26
C LYS C 255 6.40 -19.29 27.25
N GLU C 256 5.98 -20.19 26.37
CA GLU C 256 6.61 -21.50 26.23
C GLU C 256 8.00 -21.49 25.52
N ASN C 257 8.38 -20.40 24.83
CA ASN C 257 9.56 -20.41 23.94
C ASN C 257 10.52 -19.22 23.96
N ALA C 258 10.18 -18.10 24.60
CA ALA C 258 10.94 -16.85 24.41
C ALA C 258 12.43 -16.93 24.85
N ASN C 259 12.69 -17.78 25.85
CA ASN C 259 14.02 -18.04 26.35
C ASN C 259 15.03 -18.47 25.26
N LYS C 260 14.56 -19.17 24.22
CA LYS C 260 15.43 -19.59 23.14
C LYS C 260 16.05 -18.39 22.45
N ALA C 261 15.24 -17.35 22.20
CA ALA C 261 15.73 -16.16 21.54
C ALA C 261 16.72 -15.42 22.42
N LYS C 262 16.42 -15.36 23.71
CA LYS C 262 17.33 -14.73 24.67
C LYS C 262 18.70 -15.46 24.73
N SER C 263 18.68 -16.78 24.79
CA SER C 263 19.92 -17.58 24.78
C SER C 263 20.76 -17.35 23.50
N LEU C 264 20.09 -17.39 22.34
CA LEU C 264 20.75 -17.15 21.07
C LEU C 264 21.44 -15.78 21.08
N LEU C 265 20.72 -14.78 21.54
CA LEU C 265 21.24 -13.44 21.56
C LEU C 265 22.42 -13.29 22.52
N LEU C 266 22.28 -13.84 23.72
CA LEU C 266 23.37 -13.81 24.71
C LEU C 266 24.64 -14.50 24.24
N THR C 267 24.49 -15.66 23.62
CA THR C 267 25.63 -16.40 23.10
C THR C 267 26.25 -15.73 21.84
N THR C 268 25.41 -15.06 21.05
CA THR C 268 25.86 -14.38 19.83
C THR C 268 26.66 -13.13 20.14
N ILE C 269 26.26 -12.35 21.15
CA ILE C 269 26.91 -11.07 21.42
C ILE C 269 28.45 -11.14 21.51
N PRO C 270 29.01 -12.07 22.30
CA PRO C 270 30.48 -12.14 22.37
C PRO C 270 31.15 -12.57 21.06
N GLN C 271 30.48 -13.39 20.24
CA GLN C 271 31.01 -13.75 18.91
C GLN C 271 31.10 -12.51 18.01
N ILE C 272 30.11 -11.64 18.09
CA ILE C 272 30.10 -10.39 17.32
C ILE C 272 31.23 -9.48 17.81
N GLY C 273 31.38 -9.40 19.13
CA GLY C 273 32.43 -8.61 19.78
C GLY C 273 33.86 -9.00 19.39
N SER C 274 34.08 -10.25 19.00
CA SER C 274 35.40 -10.73 18.62
C SER C 274 35.51 -11.15 17.14
N THR C 275 34.58 -10.70 16.30
CA THR C 275 34.70 -10.80 14.84
C THR C 275 35.31 -9.49 14.35
N GLU C 276 36.03 -9.53 13.23
CA GLU C 276 36.52 -8.29 12.60
C GLU C 276 35.40 -7.69 11.74
N TRP C 277 35.22 -6.38 11.82
CA TRP C 277 34.11 -5.68 11.13
C TRP C 277 34.50 -4.52 10.22
N SER C 278 35.75 -4.08 10.21
CA SER C 278 36.08 -2.77 9.62
C SER C 278 35.77 -2.68 8.11
N GLU C 279 35.95 -3.78 7.37
CA GLU C 279 35.61 -3.82 5.94
C GLU C 279 34.09 -3.80 5.73
N THR C 280 33.39 -4.67 6.45
CA THR C 280 31.92 -4.70 6.46
C THR C 280 31.32 -3.32 6.76
N LEU C 281 31.79 -2.69 7.83
CA LEU C 281 31.29 -1.37 8.22
C LEU C 281 31.67 -0.29 7.23
N HIS C 282 32.87 -0.40 6.64
CA HIS C 282 33.33 0.55 5.63
C HIS C 282 32.44 0.50 4.38
N ASN C 283 32.15 -0.70 3.91
CA ASN C 283 31.25 -0.88 2.77
C ASN C 283 29.83 -0.38 3.05
N LEU C 284 29.28 -0.69 4.23
CA LEU C 284 27.98 -0.13 4.63
C LEU C 284 27.99 1.38 4.69
N LYS C 285 29.06 1.95 5.23
CA LYS C 285 29.19 3.42 5.30
C LYS C 285 29.21 4.03 3.89
N ASN C 286 29.97 3.43 2.98
CA ASN C 286 30.04 3.92 1.60
C ASN C 286 28.68 3.81 0.91
N MET C 287 28.05 2.65 1.03
CA MET C 287 26.72 2.44 0.45
C MET C 287 25.75 3.51 0.93
N ALA C 288 25.71 3.75 2.25
CA ALA C 288 24.82 4.79 2.82
C ALA C 288 25.16 6.16 2.24
N GLN C 289 26.42 6.54 2.37
CA GLN C 289 26.92 7.84 1.89
C GLN C 289 26.59 8.12 0.41
N PHE C 290 26.89 7.16 -0.47
CA PHE C 290 26.72 7.37 -1.92
C PHE C 290 25.29 7.08 -2.45
N SER C 291 24.36 6.79 -1.54
CA SER C 291 22.94 6.68 -1.87
CA SER C 291 22.94 6.68 -1.87
C SER C 291 22.24 8.04 -1.78
N VAL C 292 22.95 9.04 -1.27
CA VAL C 292 22.40 10.38 -1.06
C VAL C 292 22.65 11.26 -2.29
N LEU C 293 21.58 11.81 -2.88
CA LEU C 293 21.69 12.78 -3.98
CA LEU C 293 21.67 12.78 -3.98
C LEU C 293 21.56 14.19 -3.40
N LEU C 294 22.41 15.10 -3.88
CA LEU C 294 22.39 16.51 -3.43
C LEU C 294 22.24 17.47 -4.63
N PRO C 295 21.65 18.67 -4.41
CA PRO C 295 21.32 19.65 -5.48
C PRO C 295 22.36 19.89 -6.59
#